data_1OUM
#
_entry.id   1OUM
#
_cell.length_a   120.940
_cell.length_b   120.940
_cell.length_c   241.780
_cell.angle_alpha   90.00
_cell.angle_beta   90.00
_cell.angle_gamma   120.00
#
_symmetry.space_group_name_H-M   'P 61 2 2'
#
loop_
_entity.id
_entity.type
_entity.pdbx_description
1 polymer 'Purine nucleoside phosphorylase'
2 non-polymer 9-(6-DEOXY-ALPHA-L-TALOFURANOSYL)-6-METHYLPURINE
3 non-polymer 'PHOSPHATE ION'
4 water water
#
_entity_poly.entity_id   1
_entity_poly.type   'polypeptide(L)'
_entity_poly.pdbx_seq_one_letter_code
;ATPHINAEMGDFADVVLMPGDPLRAKYIAETFLEDAREVNNVRGMLGFTGTYKGRKISVMGHGVGIPSCSIYTKELITDF
GVKKIIRVGSCGAVLPHVKLRDVVIGMGACTDSKVNRIRFKDHDFAAIADFDMVRNAVDAAKALGIDARVGNLFSADLFY
SPDGEMFDVMEKYGILGVEMEAAGIYGVAAEFGAKALTICTVSDHIRTHEQTTAAERQTTFNDMIKIALESVLLGDKE
;
_entity_poly.pdbx_strand_id   A,B,C
#
# COMPACT_ATOMS: atom_id res chain seq x y z
N ALA A 1 -38.12 1.99 10.33
CA ALA A 1 -37.73 3.01 9.32
C ALA A 1 -36.26 3.39 9.47
N THR A 2 -35.49 3.22 8.40
CA THR A 2 -34.07 3.54 8.40
C THR A 2 -33.81 4.76 7.53
N PRO A 3 -32.58 5.31 7.60
CA PRO A 3 -32.22 6.49 6.81
C PRO A 3 -32.49 6.42 5.30
N HIS A 4 -32.45 5.22 4.73
CA HIS A 4 -32.68 5.10 3.29
C HIS A 4 -33.82 4.17 2.87
N ILE A 5 -34.43 3.50 3.84
CA ILE A 5 -35.54 2.59 3.55
C ILE A 5 -36.74 3.01 4.39
N ASN A 6 -37.77 3.52 3.73
CA ASN A 6 -38.97 3.96 4.44
C ASN A 6 -39.95 2.80 4.61
N ALA A 7 -39.62 1.91 5.53
CA ALA A 7 -40.44 0.74 5.82
C ALA A 7 -40.22 0.33 7.28
N GLU A 8 -40.92 -0.71 7.71
CA GLU A 8 -40.79 -1.18 9.08
C GLU A 8 -40.46 -2.67 9.13
N MET A 9 -39.93 -3.13 10.26
CA MET A 9 -39.58 -4.54 10.43
C MET A 9 -40.79 -5.41 10.09
N GLY A 10 -40.60 -6.34 9.15
CA GLY A 10 -41.67 -7.23 8.76
C GLY A 10 -42.12 -6.94 7.34
N ASP A 11 -41.84 -5.72 6.88
CA ASP A 11 -42.20 -5.30 5.53
C ASP A 11 -41.45 -6.09 4.46
N PHE A 12 -40.21 -6.47 4.76
CA PHE A 12 -39.40 -7.25 3.81
C PHE A 12 -39.34 -8.70 4.27
N ALA A 13 -39.24 -9.61 3.32
CA ALA A 13 -39.13 -11.03 3.63
C ALA A 13 -37.69 -11.27 4.09
N ASP A 14 -37.42 -12.47 4.61
CA ASP A 14 -36.07 -12.79 5.06
C ASP A 14 -35.12 -12.98 3.87
N VAL A 15 -35.68 -13.08 2.66
CA VAL A 15 -34.88 -13.24 1.46
C VAL A 15 -35.15 -12.08 0.51
N VAL A 16 -34.09 -11.42 0.06
CA VAL A 16 -34.24 -10.28 -0.85
C VAL A 16 -33.45 -10.39 -2.14
N LEU A 17 -34.16 -10.26 -3.26
CA LEU A 17 -33.52 -10.27 -4.58
C LEU A 17 -33.25 -8.81 -4.91
N MET A 18 -32.02 -8.50 -5.29
CA MET A 18 -31.64 -7.14 -5.65
C MET A 18 -31.19 -7.07 -7.09
N PRO A 19 -32.01 -6.47 -7.96
CA PRO A 19 -31.79 -6.30 -9.39
C PRO A 19 -30.62 -5.38 -9.74
N GLY A 20 -29.79 -5.84 -10.68
CA GLY A 20 -28.68 -5.04 -11.15
C GLY A 20 -29.29 -4.02 -12.12
N ASP A 21 -28.33 -3.17 -12.39
CA ASP A 21 -28.51 -2.21 -13.32
C ASP A 21 -28.64 -3.17 -14.42
N PRO A 22 -29.80 -3.20 -15.07
CA PRO A 22 -30.81 -3.55 -16.06
C PRO A 22 -32.19 -3.73 -15.43
N LEU A 23 -32.32 -4.94 -15.01
CA LEU A 23 -33.57 -5.33 -14.45
C LEU A 23 -34.10 -4.32 -13.47
N ARG A 24 -35.39 -4.28 -13.49
CA ARG A 24 -36.16 -3.42 -12.59
C ARG A 24 -36.91 -4.25 -11.55
N ALA A 25 -36.96 -3.74 -10.31
CA ALA A 25 -37.64 -4.43 -9.23
C ALA A 25 -39.14 -4.58 -9.53
N LYS A 26 -39.74 -3.52 -10.08
CA LYS A 26 -41.17 -3.55 -10.40
C LYS A 26 -41.47 -4.63 -11.42
N TYR A 27 -40.56 -4.83 -12.36
CA TYR A 27 -40.75 -5.85 -13.39
C TYR A 27 -40.72 -7.24 -12.76
N ILE A 28 -39.71 -7.50 -11.93
CA ILE A 28 -39.57 -8.79 -11.27
C ILE A 28 -40.81 -9.11 -10.43
N ALA A 29 -41.24 -8.15 -9.63
CA ALA A 29 -42.39 -8.32 -8.75
C ALA A 29 -43.69 -8.62 -9.49
N GLU A 30 -43.97 -7.89 -10.56
CA GLU A 30 -45.20 -8.11 -11.30
C GLU A 30 -45.14 -9.30 -12.26
N THR A 31 -43.93 -9.77 -12.56
CA THR A 31 -43.80 -10.89 -13.48
C THR A 31 -43.57 -12.24 -12.78
N PHE A 32 -42.88 -12.25 -11.65
CA PHE A 32 -42.59 -13.50 -10.95
C PHE A 32 -43.24 -13.69 -9.58
N LEU A 33 -43.68 -12.62 -8.95
CA LEU A 33 -44.28 -12.74 -7.63
C LEU A 33 -45.79 -12.56 -7.70
N GLU A 34 -46.51 -13.18 -6.76
CA GLU A 34 -47.95 -13.04 -6.72
C GLU A 34 -48.30 -12.23 -5.49
N ASP A 35 -49.39 -11.47 -5.57
CA ASP A 35 -49.84 -10.67 -4.45
C ASP A 35 -48.77 -9.70 -3.94
N ALA A 36 -47.99 -9.14 -4.85
CA ALA A 36 -46.94 -8.21 -4.47
C ALA A 36 -47.51 -6.87 -3.96
N ARG A 37 -46.89 -6.36 -2.90
CA ARG A 37 -47.28 -5.07 -2.34
C ARG A 37 -46.02 -4.21 -2.29
N GLU A 38 -46.19 -2.90 -2.48
CA GLU A 38 -45.07 -1.98 -2.46
C GLU A 38 -44.66 -1.67 -1.02
N VAL A 39 -43.38 -1.89 -0.68
CA VAL A 39 -42.93 -1.61 0.68
C VAL A 39 -41.92 -0.47 0.82
N ASN A 40 -41.42 0.03 -0.30
CA ASN A 40 -40.49 1.15 -0.25
C ASN A 40 -40.54 2.00 -1.51
N ASN A 41 -40.30 3.30 -1.36
CA ASN A 41 -40.32 4.23 -2.48
C ASN A 41 -39.24 5.32 -2.41
N VAL A 42 -38.52 5.39 -1.29
CA VAL A 42 -37.46 6.37 -1.10
C VAL A 42 -36.49 6.42 -2.29
N ARG A 43 -36.26 7.63 -2.80
CA ARG A 43 -35.37 7.85 -3.94
C ARG A 43 -35.78 7.04 -5.17
N GLY A 44 -37.07 6.71 -5.25
CA GLY A 44 -37.54 5.93 -6.39
C GLY A 44 -36.95 4.53 -6.41
N MET A 45 -36.39 4.12 -5.27
CA MET A 45 -35.79 2.80 -5.12
C MET A 45 -36.93 1.87 -4.70
N LEU A 46 -37.85 1.59 -5.62
CA LEU A 46 -39.01 0.76 -5.32
C LEU A 46 -38.70 -0.64 -4.79
N GLY A 47 -39.35 -0.97 -3.68
CA GLY A 47 -39.20 -2.27 -3.06
C GLY A 47 -40.53 -3.00 -3.05
N PHE A 48 -40.49 -4.32 -3.22
CA PHE A 48 -41.72 -5.10 -3.25
C PHE A 48 -41.59 -6.44 -2.51
N THR A 49 -42.70 -6.89 -1.95
CA THR A 49 -42.72 -8.17 -1.24
C THR A 49 -43.97 -8.95 -1.61
N GLY A 50 -43.75 -10.19 -2.06
CA GLY A 50 -44.86 -11.04 -2.45
C GLY A 50 -44.44 -12.47 -2.24
N THR A 51 -45.01 -13.40 -3.01
CA THR A 51 -44.64 -14.80 -2.88
C THR A 51 -44.36 -15.47 -4.21
N TYR A 52 -43.52 -16.50 -4.15
CA TYR A 52 -43.16 -17.29 -5.32
C TYR A 52 -43.42 -18.72 -4.87
N LYS A 53 -44.46 -19.33 -5.43
CA LYS A 53 -44.84 -20.69 -5.05
C LYS A 53 -45.03 -20.78 -3.54
N GLY A 54 -45.73 -19.81 -2.99
CA GLY A 54 -46.01 -19.77 -1.56
C GLY A 54 -44.89 -19.22 -0.69
N ARG A 55 -43.69 -19.12 -1.25
CA ARG A 55 -42.54 -18.63 -0.50
C ARG A 55 -42.47 -17.10 -0.49
N LYS A 56 -42.34 -16.52 0.70
CA LYS A 56 -42.27 -15.07 0.84
C LYS A 56 -40.92 -14.54 0.30
N ILE A 57 -40.98 -13.52 -0.55
CA ILE A 57 -39.77 -12.96 -1.13
C ILE A 57 -39.94 -11.49 -1.45
N SER A 58 -38.86 -10.73 -1.22
CA SER A 58 -38.88 -9.30 -1.50
C SER A 58 -37.90 -8.99 -2.62
N VAL A 59 -38.11 -7.89 -3.31
CA VAL A 59 -37.23 -7.46 -4.39
C VAL A 59 -37.04 -5.96 -4.34
N MET A 60 -35.80 -5.52 -4.47
CA MET A 60 -35.46 -4.10 -4.43
C MET A 60 -34.05 -3.87 -4.95
N GLY A 61 -33.90 -2.93 -5.88
CA GLY A 61 -32.61 -2.62 -6.47
C GLY A 61 -31.57 -2.17 -5.46
N HIS A 62 -30.30 -2.35 -5.80
CA HIS A 62 -29.20 -1.96 -4.90
C HIS A 62 -28.39 -0.75 -5.37
N GLY A 63 -28.65 -0.28 -6.59
CA GLY A 63 -27.93 0.87 -7.12
C GLY A 63 -26.54 0.50 -7.62
N VAL A 64 -25.93 1.39 -8.41
CA VAL A 64 -24.61 1.15 -8.97
C VAL A 64 -23.45 1.34 -7.98
N GLY A 65 -22.48 0.43 -8.02
CA GLY A 65 -21.31 0.53 -7.17
C GLY A 65 -21.40 0.06 -5.73
N ILE A 66 -20.25 -0.29 -5.19
CA ILE A 66 -20.10 -0.78 -3.83
C ILE A 66 -20.70 0.14 -2.76
N PRO A 67 -20.38 1.44 -2.81
CA PRO A 67 -20.92 2.38 -1.81
C PRO A 67 -22.45 2.36 -1.74
N SER A 68 -23.09 2.26 -2.90
CA SER A 68 -24.54 2.24 -2.94
C SER A 68 -25.14 0.96 -2.37
N CYS A 69 -24.73 -0.19 -2.91
CA CYS A 69 -25.28 -1.45 -2.43
C CYS A 69 -24.92 -1.73 -0.97
N SER A 70 -23.80 -1.19 -0.52
CA SER A 70 -23.38 -1.38 0.88
C SER A 70 -24.39 -0.75 1.84
N ILE A 71 -24.98 0.38 1.41
CA ILE A 71 -25.98 1.07 2.24
C ILE A 71 -27.18 0.18 2.46
N TYR A 72 -27.85 -0.13 1.36
CA TYR A 72 -29.05 -0.94 1.37
C TYR A 72 -28.92 -2.34 1.96
N THR A 73 -27.86 -3.05 1.61
CA THR A 73 -27.69 -4.39 2.16
C THR A 73 -27.48 -4.35 3.69
N LYS A 74 -26.77 -3.34 4.16
CA LYS A 74 -26.54 -3.20 5.60
C LYS A 74 -27.85 -2.95 6.33
N GLU A 75 -28.65 -2.00 5.83
CA GLU A 75 -29.91 -1.68 6.49
C GLU A 75 -30.89 -2.86 6.45
N LEU A 76 -30.95 -3.55 5.33
CA LEU A 76 -31.84 -4.70 5.21
C LEU A 76 -31.51 -5.77 6.24
N ILE A 77 -30.21 -5.97 6.48
CA ILE A 77 -29.72 -6.97 7.42
C ILE A 77 -29.95 -6.61 8.88
N THR A 78 -29.53 -5.40 9.27
CA THR A 78 -29.63 -4.96 10.65
C THR A 78 -30.96 -4.36 11.09
N ASP A 79 -31.73 -3.82 10.16
CA ASP A 79 -32.99 -3.20 10.52
C ASP A 79 -34.27 -3.92 10.04
N PHE A 80 -34.14 -4.83 9.08
CA PHE A 80 -35.31 -5.56 8.58
C PHE A 80 -35.19 -7.07 8.71
N GLY A 81 -34.17 -7.51 9.43
CA GLY A 81 -33.94 -8.91 9.67
C GLY A 81 -33.72 -9.82 8.46
N VAL A 82 -33.25 -9.26 7.36
CA VAL A 82 -33.00 -10.07 6.17
C VAL A 82 -31.80 -11.00 6.40
N LYS A 83 -31.96 -12.26 5.98
CA LYS A 83 -30.92 -13.27 6.14
C LYS A 83 -30.16 -13.58 4.85
N LYS A 84 -30.88 -13.53 3.74
CA LYS A 84 -30.27 -13.82 2.45
C LYS A 84 -30.50 -12.71 1.45
N ILE A 85 -29.44 -12.39 0.72
CA ILE A 85 -29.49 -11.37 -0.30
C ILE A 85 -28.97 -11.99 -1.60
N ILE A 86 -29.77 -11.91 -2.65
CA ILE A 86 -29.35 -12.43 -3.94
C ILE A 86 -29.35 -11.29 -4.95
N ARG A 87 -28.17 -10.94 -5.45
CA ARG A 87 -28.06 -9.90 -6.45
C ARG A 87 -28.16 -10.56 -7.81
N VAL A 88 -28.95 -9.97 -8.70
CA VAL A 88 -29.10 -10.47 -10.05
C VAL A 88 -28.83 -9.32 -10.99
N GLY A 89 -27.76 -9.43 -11.78
CA GLY A 89 -27.42 -8.36 -12.69
C GLY A 89 -26.67 -8.82 -13.91
N SER A 90 -25.93 -7.88 -14.51
CA SER A 90 -25.15 -8.16 -15.71
C SER A 90 -23.68 -7.95 -15.43
N CYS A 91 -22.84 -8.50 -16.30
CA CYS A 91 -21.40 -8.37 -16.15
C CYS A 91 -20.70 -8.45 -17.51
N GLY A 92 -19.46 -7.99 -17.53
CA GLY A 92 -18.67 -8.05 -18.75
C GLY A 92 -17.70 -9.20 -18.59
N ALA A 93 -17.33 -9.85 -19.70
CA ALA A 93 -16.42 -10.99 -19.62
C ALA A 93 -15.06 -10.67 -20.23
N VAL A 94 -14.01 -11.30 -19.70
CA VAL A 94 -12.68 -11.09 -20.22
C VAL A 94 -12.16 -12.40 -20.82
N LEU A 95 -12.79 -13.51 -20.44
CA LEU A 95 -12.43 -14.84 -20.91
C LEU A 95 -13.10 -15.19 -22.24
N PRO A 96 -12.32 -15.65 -23.23
CA PRO A 96 -12.83 -16.02 -24.56
C PRO A 96 -13.92 -17.09 -24.54
N HIS A 97 -13.76 -18.12 -23.73
CA HIS A 97 -14.76 -19.18 -23.69
C HIS A 97 -16.05 -18.80 -22.96
N VAL A 98 -16.04 -17.69 -22.23
CA VAL A 98 -17.24 -17.22 -21.55
C VAL A 98 -17.99 -16.41 -22.60
N LYS A 99 -19.21 -16.82 -22.92
CA LYS A 99 -19.98 -16.13 -23.95
C LYS A 99 -21.11 -15.23 -23.54
N LEU A 100 -21.56 -14.43 -24.51
CA LEU A 100 -22.65 -13.49 -24.31
C LEU A 100 -23.92 -14.25 -23.90
N ARG A 101 -24.52 -13.82 -22.79
CA ARG A 101 -25.74 -14.43 -22.25
C ARG A 101 -25.50 -15.62 -21.32
N ASP A 102 -24.23 -15.97 -21.09
CA ASP A 102 -23.93 -17.07 -20.16
C ASP A 102 -24.28 -16.61 -18.76
N VAL A 103 -24.69 -17.55 -17.91
CA VAL A 103 -25.01 -17.21 -16.53
C VAL A 103 -23.77 -17.53 -15.72
N VAL A 104 -23.35 -16.58 -14.88
CA VAL A 104 -22.15 -16.75 -14.06
C VAL A 104 -22.51 -16.60 -12.58
N ILE A 105 -22.03 -17.53 -11.76
CA ILE A 105 -22.28 -17.50 -10.31
C ILE A 105 -21.00 -17.08 -9.58
N GLY A 106 -21.08 -16.00 -8.81
CA GLY A 106 -19.92 -15.49 -8.10
C GLY A 106 -19.64 -16.09 -6.74
N MET A 107 -18.95 -17.22 -6.71
CA MET A 107 -18.61 -17.84 -5.44
C MET A 107 -17.66 -16.91 -4.68
N GLY A 108 -16.91 -16.12 -5.44
CA GLY A 108 -15.99 -15.17 -4.85
C GLY A 108 -15.98 -13.89 -5.66
N ALA A 109 -15.49 -12.80 -5.07
CA ALA A 109 -15.43 -11.53 -5.78
C ALA A 109 -14.19 -10.72 -5.44
N CYS A 110 -13.34 -10.51 -6.43
CA CYS A 110 -12.13 -9.71 -6.29
C CYS A 110 -12.60 -8.27 -6.38
N THR A 111 -11.72 -7.32 -6.07
CA THR A 111 -12.08 -5.90 -6.16
C THR A 111 -10.87 -5.00 -6.08
N ASP A 112 -11.03 -3.77 -6.58
CA ASP A 112 -9.95 -2.80 -6.49
C ASP A 112 -10.40 -1.72 -5.51
N SER A 113 -11.50 -1.99 -4.81
CA SER A 113 -12.03 -1.06 -3.81
C SER A 113 -11.24 -1.25 -2.52
N LYS A 114 -11.32 -0.27 -1.63
CA LYS A 114 -10.59 -0.35 -0.37
C LYS A 114 -11.48 -0.71 0.83
N VAL A 115 -12.78 -0.87 0.60
CA VAL A 115 -13.70 -1.16 1.71
C VAL A 115 -13.39 -2.40 2.52
N ASN A 116 -12.98 -3.48 1.87
CA ASN A 116 -12.68 -4.69 2.62
C ASN A 116 -11.35 -4.59 3.39
N ARG A 117 -10.39 -3.82 2.87
CA ARG A 117 -9.12 -3.66 3.58
C ARG A 117 -9.36 -2.81 4.81
N ILE A 118 -10.28 -1.85 4.71
CA ILE A 118 -10.60 -1.00 5.83
C ILE A 118 -11.24 -1.84 6.95
N ARG A 119 -11.97 -2.88 6.56
CA ARG A 119 -12.63 -3.76 7.54
C ARG A 119 -11.68 -4.82 8.09
N PHE A 120 -10.75 -5.29 7.26
CA PHE A 120 -9.84 -6.36 7.63
C PHE A 120 -8.42 -5.96 7.99
N LYS A 121 -8.26 -4.84 8.69
CA LYS A 121 -6.95 -4.37 9.10
C LYS A 121 -5.93 -4.33 7.96
N ASP A 122 -6.40 -3.93 6.78
CA ASP A 122 -5.55 -3.83 5.60
C ASP A 122 -4.94 -5.14 5.08
N HIS A 123 -5.55 -6.27 5.45
CA HIS A 123 -5.09 -7.57 4.97
C HIS A 123 -6.06 -8.03 3.88
N ASP A 124 -5.86 -9.23 3.34
CA ASP A 124 -6.73 -9.74 2.30
C ASP A 124 -7.95 -10.48 2.82
N PHE A 125 -9.14 -9.88 2.66
CA PHE A 125 -10.35 -10.56 3.06
C PHE A 125 -10.90 -11.18 1.78
N ALA A 126 -11.09 -12.49 1.78
CA ALA A 126 -11.62 -13.16 0.59
C ALA A 126 -13.13 -13.00 0.60
N ALA A 127 -13.61 -12.05 -0.21
CA ALA A 127 -15.05 -11.76 -0.31
C ALA A 127 -15.74 -12.91 -1.02
N ILE A 128 -16.45 -13.73 -0.24
CA ILE A 128 -17.13 -14.89 -0.80
C ILE A 128 -18.63 -14.95 -0.51
N ALA A 129 -19.32 -15.75 -1.31
CA ALA A 129 -20.75 -15.95 -1.16
C ALA A 129 -20.96 -17.12 -0.20
N ASP A 130 -22.21 -17.36 0.16
CA ASP A 130 -22.54 -18.47 1.04
C ASP A 130 -22.55 -19.71 0.13
N PHE A 131 -21.82 -20.74 0.52
CA PHE A 131 -21.73 -21.96 -0.28
C PHE A 131 -23.07 -22.60 -0.67
N ASP A 132 -23.95 -22.80 0.31
CA ASP A 132 -25.25 -23.39 0.04
C ASP A 132 -26.03 -22.61 -1.00
N MET A 133 -25.97 -21.28 -0.92
CA MET A 133 -26.66 -20.46 -1.91
C MET A 133 -26.06 -20.70 -3.29
N VAL A 134 -24.74 -20.89 -3.35
CA VAL A 134 -24.07 -21.14 -4.62
C VAL A 134 -24.56 -22.48 -5.19
N ARG A 135 -24.56 -23.51 -4.36
CA ARG A 135 -25.00 -24.83 -4.81
C ARG A 135 -26.48 -24.86 -5.20
N ASN A 136 -27.31 -24.10 -4.50
CA ASN A 136 -28.73 -24.03 -4.81
C ASN A 136 -28.92 -23.41 -6.20
N ALA A 137 -28.17 -22.34 -6.46
CA ALA A 137 -28.24 -21.64 -7.74
C ALA A 137 -27.80 -22.57 -8.85
N VAL A 138 -26.68 -23.25 -8.64
CA VAL A 138 -26.18 -24.20 -9.63
C VAL A 138 -27.19 -25.31 -9.90
N ASP A 139 -27.72 -25.91 -8.83
CA ASP A 139 -28.70 -26.97 -9.00
C ASP A 139 -29.97 -26.48 -9.67
N ALA A 140 -30.46 -25.30 -9.27
CA ALA A 140 -31.66 -24.76 -9.89
C ALA A 140 -31.43 -24.52 -11.37
N ALA A 141 -30.22 -24.10 -11.73
CA ALA A 141 -29.86 -23.85 -13.11
C ALA A 141 -29.84 -25.15 -13.92
N LYS A 142 -29.31 -26.21 -13.33
CA LYS A 142 -29.26 -27.49 -14.01
C LYS A 142 -30.69 -27.97 -14.26
N ALA A 143 -31.55 -27.82 -13.25
CA ALA A 143 -32.95 -28.22 -13.35
C ALA A 143 -33.67 -27.50 -14.49
N LEU A 144 -33.20 -26.31 -14.84
CA LEU A 144 -33.82 -25.53 -15.92
C LEU A 144 -33.05 -25.70 -17.23
N GLY A 145 -32.15 -26.67 -17.23
CA GLY A 145 -31.36 -26.92 -18.43
C GLY A 145 -30.40 -25.80 -18.76
N ILE A 146 -29.97 -25.06 -17.75
CA ILE A 146 -29.04 -23.95 -17.95
C ILE A 146 -27.68 -24.30 -17.33
N ASP A 147 -26.61 -24.10 -18.08
CA ASP A 147 -25.26 -24.38 -17.60
C ASP A 147 -24.75 -23.13 -16.90
N ALA A 148 -24.48 -23.23 -15.59
CA ALA A 148 -23.98 -22.09 -14.85
C ALA A 148 -22.52 -22.27 -14.45
N ARG A 149 -21.69 -21.30 -14.81
CA ARG A 149 -20.28 -21.36 -14.47
C ARG A 149 -20.10 -20.67 -13.12
N VAL A 150 -19.28 -21.27 -12.26
CA VAL A 150 -19.02 -20.74 -10.92
C VAL A 150 -17.55 -20.39 -10.78
N GLY A 151 -17.28 -19.21 -10.22
CA GLY A 151 -15.90 -18.78 -10.03
C GLY A 151 -15.81 -17.37 -9.48
N ASN A 152 -14.75 -16.65 -9.84
CA ASN A 152 -14.58 -15.29 -9.35
C ASN A 152 -15.15 -14.22 -10.26
N LEU A 153 -15.70 -13.18 -9.64
CA LEU A 153 -16.20 -12.03 -10.35
C LEU A 153 -15.20 -10.94 -9.94
N PHE A 154 -15.27 -9.79 -10.58
CA PHE A 154 -14.38 -8.68 -10.21
C PHE A 154 -15.29 -7.47 -10.06
N SER A 155 -15.32 -6.91 -8.86
CA SER A 155 -16.14 -5.73 -8.57
C SER A 155 -15.27 -4.48 -8.68
N ALA A 156 -15.42 -3.77 -9.79
CA ALA A 156 -14.63 -2.57 -10.04
C ALA A 156 -15.28 -1.31 -9.49
N ASP A 157 -14.44 -0.38 -9.04
CA ASP A 157 -14.89 0.92 -8.55
C ASP A 157 -15.05 1.83 -9.77
N LEU A 158 -14.19 1.64 -10.76
CA LEU A 158 -14.24 2.46 -11.96
C LEU A 158 -14.59 1.68 -13.21
N PHE A 159 -15.79 1.92 -13.72
CA PHE A 159 -16.27 1.28 -14.95
C PHE A 159 -15.29 1.70 -16.04
N TYR A 160 -14.85 2.96 -15.99
CA TYR A 160 -13.88 3.47 -16.96
C TYR A 160 -12.53 3.51 -16.25
N SER A 161 -11.85 2.37 -16.22
CA SER A 161 -10.56 2.27 -15.56
C SER A 161 -9.41 2.81 -16.40
N PRO A 162 -8.49 3.54 -15.76
CA PRO A 162 -7.32 4.13 -16.42
C PRO A 162 -6.31 3.04 -16.77
N ASP A 163 -6.33 1.94 -16.01
CA ASP A 163 -5.41 0.83 -16.23
C ASP A 163 -6.06 -0.30 -17.04
N GLY A 164 -5.97 -0.20 -18.36
CA GLY A 164 -6.54 -1.22 -19.22
C GLY A 164 -5.84 -2.56 -19.13
N GLU A 165 -4.63 -2.56 -18.61
CA GLU A 165 -3.85 -3.79 -18.47
C GLU A 165 -4.44 -4.76 -17.43
N MET A 166 -5.22 -4.23 -16.50
CA MET A 166 -5.83 -5.06 -15.46
C MET A 166 -6.77 -6.13 -16.01
N PHE A 167 -7.41 -5.87 -17.15
CA PHE A 167 -8.32 -6.85 -17.74
C PHE A 167 -7.55 -8.12 -18.14
N ASP A 168 -6.31 -7.95 -18.56
CA ASP A 168 -5.47 -9.08 -18.93
C ASP A 168 -5.15 -9.90 -17.69
N VAL A 169 -4.86 -9.20 -16.59
CA VAL A 169 -4.57 -9.85 -15.33
C VAL A 169 -5.81 -10.64 -14.91
N MET A 170 -6.98 -10.02 -15.04
CA MET A 170 -8.23 -10.68 -14.70
C MET A 170 -8.42 -11.97 -15.51
N GLU A 171 -8.10 -11.88 -16.80
CA GLU A 171 -8.23 -13.04 -17.66
C GLU A 171 -7.27 -14.15 -17.23
N LYS A 172 -6.06 -13.76 -16.89
CA LYS A 172 -5.03 -14.71 -16.46
C LYS A 172 -5.43 -15.46 -15.19
N TYR A 173 -6.17 -14.80 -14.31
CA TYR A 173 -6.58 -15.43 -13.07
C TYR A 173 -7.98 -16.01 -13.05
N GLY A 174 -8.54 -16.22 -14.24
CA GLY A 174 -9.86 -16.83 -14.38
C GLY A 174 -11.12 -16.06 -14.02
N ILE A 175 -11.05 -14.75 -13.90
CA ILE A 175 -12.23 -13.97 -13.56
C ILE A 175 -13.31 -14.23 -14.62
N LEU A 176 -14.50 -14.62 -14.20
CA LEU A 176 -15.60 -14.92 -15.11
C LEU A 176 -16.38 -13.70 -15.56
N GLY A 177 -16.48 -12.70 -14.68
CA GLY A 177 -17.23 -11.51 -15.03
C GLY A 177 -16.85 -10.27 -14.25
N VAL A 178 -16.96 -9.11 -14.91
CA VAL A 178 -16.65 -7.83 -14.31
C VAL A 178 -17.94 -7.08 -14.04
N GLU A 179 -18.12 -6.70 -12.77
CA GLU A 179 -19.29 -5.90 -12.37
C GLU A 179 -18.84 -4.89 -11.32
N MET A 180 -19.75 -4.39 -10.49
CA MET A 180 -19.33 -3.37 -9.52
C MET A 180 -19.96 -3.49 -8.13
N GLU A 181 -20.47 -4.65 -7.78
CA GLU A 181 -21.14 -4.80 -6.48
C GLU A 181 -20.78 -5.99 -5.59
N ALA A 182 -20.67 -7.17 -6.18
CA ALA A 182 -20.38 -8.42 -5.46
C ALA A 182 -19.49 -8.31 -4.21
N ALA A 183 -18.25 -7.90 -4.39
CA ALA A 183 -17.31 -7.79 -3.27
C ALA A 183 -17.86 -6.89 -2.14
N GLY A 184 -18.60 -5.86 -2.50
CA GLY A 184 -19.17 -4.97 -1.50
C GLY A 184 -20.26 -5.66 -0.69
N ILE A 185 -21.13 -6.37 -1.40
CA ILE A 185 -22.22 -7.08 -0.76
C ILE A 185 -21.71 -8.22 0.13
N TYR A 186 -20.73 -8.97 -0.34
CA TYR A 186 -20.18 -10.06 0.44
C TYR A 186 -19.50 -9.53 1.70
N GLY A 187 -18.94 -8.33 1.58
CA GLY A 187 -18.26 -7.71 2.71
C GLY A 187 -19.26 -7.38 3.80
N VAL A 188 -20.40 -6.84 3.39
CA VAL A 188 -21.44 -6.47 4.34
C VAL A 188 -22.06 -7.71 4.99
N ALA A 189 -22.32 -8.72 4.18
CA ALA A 189 -22.91 -9.97 4.68
C ALA A 189 -22.05 -10.56 5.79
N ALA A 190 -20.74 -10.56 5.58
CA ALA A 190 -19.82 -11.11 6.55
C ALA A 190 -19.75 -10.21 7.78
N GLU A 191 -19.74 -8.90 7.57
CA GLU A 191 -19.67 -7.95 8.67
C GLU A 191 -20.87 -8.05 9.61
N PHE A 192 -22.06 -8.25 9.06
CA PHE A 192 -23.25 -8.33 9.90
C PHE A 192 -23.87 -9.71 10.04
N GLY A 193 -23.09 -10.74 9.74
CA GLY A 193 -23.54 -12.12 9.88
C GLY A 193 -24.64 -12.67 8.97
N ALA A 194 -24.73 -12.19 7.74
CA ALA A 194 -25.77 -12.69 6.85
C ALA A 194 -25.18 -13.49 5.68
N LYS A 195 -26.06 -13.89 4.77
CA LYS A 195 -25.66 -14.66 3.60
C LYS A 195 -25.99 -13.90 2.33
N ALA A 196 -25.10 -13.99 1.34
CA ALA A 196 -25.31 -13.30 0.07
C ALA A 196 -24.75 -14.06 -1.12
N LEU A 197 -25.28 -13.75 -2.29
CA LEU A 197 -24.87 -14.38 -3.53
C LEU A 197 -25.16 -13.45 -4.70
N THR A 198 -24.24 -13.41 -5.66
CA THR A 198 -24.40 -12.58 -6.84
C THR A 198 -24.46 -13.48 -8.06
N ILE A 199 -25.46 -13.25 -8.90
CA ILE A 199 -25.63 -14.01 -10.13
C ILE A 199 -25.67 -13.00 -11.26
N CYS A 200 -24.84 -13.22 -12.29
CA CYS A 200 -24.79 -12.30 -13.41
C CYS A 200 -24.99 -12.98 -14.75
N THR A 201 -25.47 -12.23 -15.73
CA THR A 201 -25.65 -12.74 -17.08
C THR A 201 -24.69 -11.87 -17.90
N VAL A 202 -23.82 -12.50 -18.66
CA VAL A 202 -22.85 -11.78 -19.47
C VAL A 202 -23.57 -10.87 -20.47
N SER A 203 -23.39 -9.56 -20.31
CA SER A 203 -24.03 -8.60 -21.20
C SER A 203 -23.10 -8.17 -22.32
N ASP A 204 -21.80 -8.43 -22.17
CA ASP A 204 -20.85 -8.07 -23.21
C ASP A 204 -19.43 -8.57 -22.98
N HIS A 205 -18.65 -8.54 -24.06
CA HIS A 205 -17.26 -8.96 -24.04
C HIS A 205 -16.38 -7.72 -23.95
N ILE A 206 -15.50 -7.70 -22.96
CA ILE A 206 -14.58 -6.58 -22.81
C ILE A 206 -13.45 -6.81 -23.82
N ARG A 207 -13.71 -7.73 -24.74
CA ARG A 207 -12.75 -8.10 -25.80
C ARG A 207 -13.39 -7.90 -27.18
N THR A 208 -14.08 -8.93 -27.67
CA THR A 208 -14.75 -8.88 -28.97
C THR A 208 -16.25 -9.06 -28.80
N HIS A 209 -16.95 -7.94 -28.58
CA HIS A 209 -18.40 -7.96 -28.36
C HIS A 209 -19.21 -8.60 -29.49
N GLU A 210 -20.07 -9.54 -29.11
CA GLU A 210 -20.93 -10.25 -30.06
C GLU A 210 -22.14 -9.39 -30.44
N GLN A 211 -23.25 -10.03 -30.82
CA GLN A 211 -24.45 -9.30 -31.22
C GLN A 211 -25.77 -10.03 -30.95
N THR A 212 -26.23 -10.00 -29.70
CA THR A 212 -27.49 -10.65 -29.33
C THR A 212 -28.62 -9.63 -29.29
N THR A 213 -29.61 -9.82 -30.15
CA THR A 213 -30.76 -8.91 -30.25
C THR A 213 -31.49 -8.68 -28.92
N ALA A 214 -32.39 -7.70 -28.91
CA ALA A 214 -33.17 -7.37 -27.72
C ALA A 214 -34.10 -8.51 -27.34
N ALA A 215 -34.31 -9.43 -28.28
CA ALA A 215 -35.17 -10.59 -28.05
C ALA A 215 -34.34 -11.62 -27.30
N GLU A 216 -33.02 -11.53 -27.48
CA GLU A 216 -32.07 -12.42 -26.84
C GLU A 216 -31.50 -11.75 -25.59
N ARG A 217 -32.36 -11.06 -24.85
CA ARG A 217 -31.96 -10.36 -23.64
C ARG A 217 -32.93 -10.66 -22.50
N GLN A 218 -34.17 -10.24 -22.67
CA GLN A 218 -35.19 -10.46 -21.64
C GLN A 218 -35.43 -11.94 -21.41
N THR A 219 -35.06 -12.77 -22.39
CA THR A 219 -35.23 -14.22 -22.28
C THR A 219 -34.17 -14.82 -21.36
N THR A 220 -32.96 -14.27 -21.43
CA THR A 220 -31.87 -14.74 -20.58
C THR A 220 -32.06 -14.13 -19.19
N PHE A 221 -32.53 -12.88 -19.14
CA PHE A 221 -32.74 -12.22 -17.85
C PHE A 221 -33.79 -12.97 -17.05
N ASN A 222 -34.83 -13.45 -17.73
CA ASN A 222 -35.88 -14.20 -17.03
C ASN A 222 -35.26 -15.48 -16.47
N ASP A 223 -34.33 -16.06 -17.23
CA ASP A 223 -33.65 -17.28 -16.79
C ASP A 223 -32.92 -17.06 -15.47
N MET A 224 -32.08 -16.03 -15.42
CA MET A 224 -31.32 -15.71 -14.22
C MET A 224 -32.27 -15.49 -13.05
N ILE A 225 -33.38 -14.81 -13.32
CA ILE A 225 -34.38 -14.53 -12.28
C ILE A 225 -35.00 -15.81 -11.74
N LYS A 226 -35.33 -16.73 -12.65
CA LYS A 226 -35.92 -18.01 -12.25
C LYS A 226 -34.90 -18.79 -11.44
N ILE A 227 -33.65 -18.78 -11.88
CA ILE A 227 -32.56 -19.48 -11.19
C ILE A 227 -32.54 -18.97 -9.75
N ALA A 228 -32.51 -17.67 -9.61
CA ALA A 228 -32.47 -17.05 -8.29
C ALA A 228 -33.64 -17.50 -7.45
N LEU A 229 -34.86 -17.37 -7.96
CA LEU A 229 -36.06 -17.75 -7.21
C LEU A 229 -36.13 -19.24 -6.87
N GLU A 230 -35.81 -20.09 -7.84
CA GLU A 230 -35.84 -21.52 -7.61
C GLU A 230 -34.74 -21.92 -6.64
N SER A 231 -33.62 -21.22 -6.67
CA SER A 231 -32.51 -21.54 -5.77
C SER A 231 -32.96 -21.32 -4.32
N VAL A 232 -33.84 -20.35 -4.11
CA VAL A 232 -34.33 -20.07 -2.77
C VAL A 232 -35.18 -21.24 -2.25
N LEU A 233 -36.03 -21.80 -3.11
CA LEU A 233 -36.87 -22.93 -2.71
C LEU A 233 -35.99 -24.14 -2.37
N LEU A 234 -34.90 -24.32 -3.10
CA LEU A 234 -34.01 -25.44 -2.80
C LEU A 234 -33.35 -25.21 -1.44
N GLY A 235 -32.98 -23.96 -1.16
CA GLY A 235 -32.34 -23.65 0.11
C GLY A 235 -33.25 -23.94 1.29
N ASP A 236 -34.56 -23.84 1.08
CA ASP A 236 -35.52 -24.10 2.15
C ASP A 236 -35.67 -25.59 2.41
N LYS A 237 -35.19 -26.40 1.47
CA LYS A 237 -35.28 -27.86 1.58
C LYS A 237 -33.99 -28.47 2.13
N ALA B 1 12.29 29.86 23.07
CA ALA B 1 13.16 29.34 21.98
C ALA B 1 13.03 27.82 21.86
N THR B 2 13.33 27.30 20.68
CA THR B 2 13.27 25.86 20.43
C THR B 2 14.65 25.47 19.91
N PRO B 3 14.88 24.17 19.71
CA PRO B 3 16.20 23.74 19.20
C PRO B 3 16.52 24.28 17.81
N HIS B 4 15.50 24.73 17.08
CA HIS B 4 15.71 25.23 15.73
C HIS B 4 15.48 26.72 15.52
N ILE B 5 14.85 27.37 16.49
CA ILE B 5 14.57 28.80 16.39
C ILE B 5 14.92 29.52 17.70
N ASN B 6 15.94 30.36 17.65
CA ASN B 6 16.38 31.08 18.83
C ASN B 6 15.75 32.47 18.90
N ALA B 7 14.48 32.51 19.24
CA ALA B 7 13.75 33.76 19.35
C ALA B 7 12.71 33.59 20.45
N GLU B 8 11.97 34.66 20.73
CA GLU B 8 10.94 34.60 21.75
C GLU B 8 9.63 35.10 21.18
N MET B 9 8.53 34.74 21.82
CA MET B 9 7.21 35.19 21.41
C MET B 9 7.27 36.68 21.17
N GLY B 10 6.77 37.12 20.01
CA GLY B 10 6.78 38.54 19.68
C GLY B 10 7.81 38.88 18.63
N ASP B 11 8.90 38.10 18.57
CA ASP B 11 9.94 38.35 17.58
C ASP B 11 9.45 38.17 16.13
N PHE B 12 8.43 37.34 15.95
CA PHE B 12 7.86 37.12 14.62
C PHE B 12 6.49 37.77 14.53
N ALA B 13 6.12 38.17 13.31
CA ALA B 13 4.81 38.76 13.07
C ALA B 13 3.82 37.59 13.01
N ASP B 14 2.52 37.87 12.96
CA ASP B 14 1.56 36.78 12.89
C ASP B 14 1.43 36.23 11.46
N VAL B 15 2.26 36.75 10.56
CA VAL B 15 2.29 36.32 9.16
C VAL B 15 3.74 36.16 8.74
N VAL B 16 4.09 35.00 8.16
CA VAL B 16 5.46 34.77 7.75
C VAL B 16 5.64 34.27 6.30
N LEU B 17 6.42 35.00 5.53
CA LEU B 17 6.71 34.59 4.15
C LEU B 17 7.90 33.65 4.29
N MET B 18 7.89 32.54 3.55
CA MET B 18 8.98 31.59 3.67
C MET B 18 9.49 31.00 2.36
N PRO B 19 10.71 31.39 1.97
CA PRO B 19 11.29 30.86 0.73
C PRO B 19 12.11 29.66 1.18
N GLY B 20 12.46 28.77 0.26
CA GLY B 20 13.25 27.61 0.64
C GLY B 20 14.66 28.00 1.03
N ASP B 21 15.22 28.91 0.25
CA ASP B 21 16.58 29.41 0.42
C ASP B 21 16.70 30.48 1.51
N PRO B 22 17.41 30.17 2.61
CA PRO B 22 17.58 31.15 3.70
C PRO B 22 18.21 32.45 3.25
N LEU B 23 19.06 32.40 2.22
CA LEU B 23 19.69 33.62 1.72
C LEU B 23 18.64 34.43 0.99
N ARG B 24 17.56 33.77 0.59
CA ARG B 24 16.49 34.46 -0.11
C ARG B 24 15.69 35.27 0.91
N ALA B 25 15.70 34.80 2.15
CA ALA B 25 14.98 35.50 3.21
C ALA B 25 15.64 36.85 3.47
N LYS B 26 16.97 36.86 3.44
CA LYS B 26 17.73 38.09 3.66
C LYS B 26 17.43 39.03 2.51
N TYR B 27 17.33 38.46 1.31
CA TYR B 27 17.04 39.24 0.13
C TYR B 27 15.68 39.92 0.22
N ILE B 28 14.69 39.19 0.74
CA ILE B 28 13.33 39.71 0.88
C ILE B 28 13.28 40.86 1.88
N ALA B 29 13.86 40.63 3.06
CA ALA B 29 13.87 41.64 4.12
C ALA B 29 14.56 42.94 3.69
N GLU B 30 15.72 42.83 3.06
CA GLU B 30 16.47 44.00 2.59
C GLU B 30 15.78 44.74 1.45
N THR B 31 15.07 44.00 0.62
CA THR B 31 14.39 44.60 -0.53
C THR B 31 13.00 45.17 -0.27
N PHE B 32 12.18 44.48 0.52
CA PHE B 32 10.81 44.94 0.76
C PHE B 32 10.42 45.38 2.16
N LEU B 33 11.23 45.07 3.16
CA LEU B 33 10.89 45.43 4.53
C LEU B 33 11.67 46.62 5.10
N GLU B 34 10.97 47.41 5.92
CA GLU B 34 11.58 48.57 6.56
C GLU B 34 11.87 48.23 8.02
N ASP B 35 13.01 48.71 8.52
CA ASP B 35 13.39 48.46 9.91
C ASP B 35 13.41 46.97 10.20
N ALA B 36 13.99 46.20 9.29
CA ALA B 36 14.06 44.76 9.46
C ALA B 36 15.19 44.35 10.39
N ARG B 37 14.89 43.44 11.31
CA ARG B 37 15.87 42.95 12.28
C ARG B 37 15.95 41.42 12.19
N GLU B 38 17.17 40.89 12.24
CA GLU B 38 17.36 39.44 12.18
C GLU B 38 16.91 38.84 13.51
N VAL B 39 15.98 37.88 13.45
CA VAL B 39 15.47 37.27 14.67
C VAL B 39 15.83 35.79 14.87
N ASN B 40 16.55 35.22 13.91
CA ASN B 40 16.97 33.82 14.02
C ASN B 40 18.14 33.49 13.12
N ASN B 41 19.04 32.65 13.60
CA ASN B 41 20.21 32.27 12.82
C ASN B 41 20.63 30.83 13.06
N VAL B 42 19.86 30.11 13.87
CA VAL B 42 20.16 28.71 14.16
C VAL B 42 20.21 27.90 12.87
N ARG B 43 21.29 27.12 12.71
CA ARG B 43 21.48 26.29 11.53
C ARG B 43 21.54 27.13 10.24
N GLY B 44 21.72 28.44 10.41
CA GLY B 44 21.80 29.32 9.26
C GLY B 44 20.45 29.59 8.59
N MET B 45 19.37 29.20 9.26
CA MET B 45 18.03 29.42 8.72
C MET B 45 17.57 30.81 9.16
N LEU B 46 18.16 31.82 8.53
CA LEU B 46 17.88 33.22 8.82
C LEU B 46 16.42 33.63 8.81
N GLY B 47 16.03 34.38 9.85
CA GLY B 47 14.68 34.87 9.97
C GLY B 47 14.75 36.36 10.24
N PHE B 48 13.82 37.12 9.65
CA PHE B 48 13.80 38.57 9.81
C PHE B 48 12.40 39.13 10.06
N THR B 49 12.35 40.25 10.77
CA THR B 49 11.08 40.91 11.06
C THR B 49 11.21 42.40 10.77
N GLY B 50 10.19 42.94 10.10
CA GLY B 50 10.17 44.35 9.76
C GLY B 50 8.74 44.74 9.40
N THR B 51 8.58 45.76 8.57
CA THR B 51 7.25 46.18 8.17
C THR B 51 7.16 46.46 6.68
N TYR B 52 5.98 46.22 6.12
CA TYR B 52 5.71 46.49 4.72
C TYR B 52 4.51 47.42 4.75
N LYS B 53 4.70 48.65 4.30
CA LYS B 53 3.64 49.65 4.31
C LYS B 53 2.98 49.71 5.69
N GLY B 54 3.83 49.76 6.71
CA GLY B 54 3.35 49.85 8.09
C GLY B 54 2.83 48.57 8.72
N ARG B 55 2.84 47.47 7.98
CA ARG B 55 2.36 46.21 8.52
C ARG B 55 3.51 45.34 8.97
N LYS B 56 3.44 44.84 10.19
CA LYS B 56 4.50 43.97 10.71
C LYS B 56 4.50 42.69 9.88
N ILE B 57 5.68 42.29 9.42
CA ILE B 57 5.82 41.09 8.59
C ILE B 57 7.15 40.40 8.87
N SER B 58 7.15 39.08 8.85
CA SER B 58 8.38 38.32 9.06
C SER B 58 8.67 37.48 7.81
N VAL B 59 9.93 37.11 7.64
CA VAL B 59 10.34 36.28 6.52
C VAL B 59 11.48 35.40 6.98
N MET B 60 11.34 34.09 6.74
CA MET B 60 12.35 33.12 7.14
C MET B 60 12.38 31.90 6.23
N GLY B 61 13.58 31.41 5.93
CA GLY B 61 13.70 30.23 5.08
C GLY B 61 13.15 28.99 5.78
N HIS B 62 12.72 28.00 5.00
CA HIS B 62 12.20 26.78 5.59
C HIS B 62 13.02 25.55 5.19
N GLY B 63 14.04 25.76 4.37
CA GLY B 63 14.88 24.66 3.93
C GLY B 63 14.21 23.83 2.85
N VAL B 64 14.95 22.88 2.28
CA VAL B 64 14.37 22.05 1.22
C VAL B 64 13.67 20.80 1.73
N GLY B 65 12.48 20.53 1.19
CA GLY B 65 11.75 19.34 1.58
C GLY B 65 10.70 19.44 2.66
N ILE B 66 9.71 18.55 2.56
CA ILE B 66 8.62 18.50 3.52
C ILE B 66 9.07 18.37 4.97
N PRO B 67 9.99 17.44 5.28
CA PRO B 67 10.47 17.27 6.66
C PRO B 67 11.10 18.53 7.28
N SER B 68 11.79 19.30 6.45
CA SER B 68 12.44 20.52 6.91
C SER B 68 11.42 21.61 7.22
N CYS B 69 10.64 21.98 6.21
CA CYS B 69 9.63 23.03 6.39
C CYS B 69 8.58 22.67 7.45
N SER B 70 8.37 21.37 7.68
CA SER B 70 7.40 20.91 8.68
C SER B 70 7.79 21.33 10.09
N ILE B 71 9.09 21.30 10.36
CA ILE B 71 9.58 21.68 11.68
C ILE B 71 9.39 23.17 11.91
N TYR B 72 9.86 24.00 10.96
CA TYR B 72 9.77 25.44 11.08
C TYR B 72 8.36 25.99 11.11
N THR B 73 7.51 25.58 10.18
CA THR B 73 6.13 26.07 10.18
C THR B 73 5.44 25.66 11.48
N LYS B 74 5.65 24.42 11.90
CA LYS B 74 5.04 23.93 13.14
C LYS B 74 5.43 24.78 14.35
N GLU B 75 6.74 25.02 14.53
CA GLU B 75 7.20 25.83 15.66
C GLU B 75 6.70 27.27 15.56
N LEU B 76 6.71 27.84 14.37
CA LEU B 76 6.22 29.20 14.18
C LEU B 76 4.79 29.33 14.66
N ILE B 77 3.97 28.32 14.35
CA ILE B 77 2.56 28.29 14.71
C ILE B 77 2.27 28.01 16.20
N THR B 78 2.92 27.01 16.78
CA THR B 78 2.66 26.67 18.17
C THR B 78 3.48 27.39 19.23
N ASP B 79 4.60 27.99 18.85
CA ASP B 79 5.44 28.68 19.83
C ASP B 79 5.61 30.17 19.58
N PHE B 80 5.29 30.65 18.38
CA PHE B 80 5.44 32.07 18.08
C PHE B 80 4.17 32.77 17.60
N GLY B 81 3.02 32.15 17.88
CA GLY B 81 1.73 32.74 17.52
C GLY B 81 1.44 33.06 16.06
N VAL B 82 2.23 32.52 15.13
CA VAL B 82 2.03 32.77 13.71
C VAL B 82 0.68 32.21 13.26
N LYS B 83 -0.07 32.99 12.49
CA LYS B 83 -1.38 32.56 12.00
C LYS B 83 -1.36 32.23 10.52
N LYS B 84 -0.42 32.82 9.79
CA LYS B 84 -0.32 32.59 8.36
C LYS B 84 1.11 32.39 7.86
N ILE B 85 1.26 31.37 7.04
CA ILE B 85 2.50 31.07 6.43
C ILE B 85 2.27 31.14 4.94
N ILE B 86 2.91 32.05 4.29
CA ILE B 86 2.89 32.04 2.85
C ILE B 86 4.28 31.55 2.47
N ARG B 87 4.37 30.62 1.54
CA ARG B 87 5.67 30.17 1.08
C ARG B 87 5.86 30.81 -0.27
N VAL B 88 7.03 31.34 -0.59
CA VAL B 88 7.28 31.94 -1.89
C VAL B 88 8.49 31.18 -2.44
N GLY B 89 8.25 30.32 -3.42
CA GLY B 89 9.34 29.54 -3.98
C GLY B 89 9.32 29.43 -5.48
N SER B 90 10.00 28.40 -5.98
CA SER B 90 10.05 28.16 -7.41
C SER B 90 9.57 26.74 -7.65
N CYS B 91 9.07 26.48 -8.84
CA CYS B 91 8.59 25.15 -9.17
C CYS B 91 8.96 24.79 -10.60
N GLY B 92 8.93 23.49 -10.91
CA GLY B 92 9.24 23.04 -12.25
C GLY B 92 7.92 22.88 -12.98
N ALA B 93 7.90 23.23 -14.26
CA ALA B 93 6.68 23.12 -15.04
C ALA B 93 6.49 21.75 -15.68
N VAL B 94 5.25 21.29 -15.74
CA VAL B 94 4.97 20.00 -16.36
C VAL B 94 4.03 20.21 -17.55
N LEU B 95 3.16 21.22 -17.43
CA LEU B 95 2.21 21.54 -18.49
C LEU B 95 2.81 22.46 -19.55
N PRO B 96 2.66 22.11 -20.83
CA PRO B 96 3.21 22.93 -21.91
C PRO B 96 2.70 24.37 -21.95
N HIS B 97 1.48 24.60 -21.48
CA HIS B 97 0.91 25.95 -21.50
C HIS B 97 1.28 26.81 -20.30
N VAL B 98 2.08 26.25 -19.38
CA VAL B 98 2.53 26.98 -18.21
C VAL B 98 3.94 27.42 -18.58
N LYS B 99 4.09 28.70 -18.92
CA LYS B 99 5.38 29.23 -19.36
C LYS B 99 6.28 29.74 -18.24
N LEU B 100 7.52 30.04 -18.61
CA LEU B 100 8.51 30.56 -17.67
C LEU B 100 8.04 31.91 -17.17
N ARG B 101 8.41 32.26 -15.94
CA ARG B 101 8.01 33.53 -15.34
C ARG B 101 6.49 33.61 -15.21
N ASP B 102 5.89 32.49 -14.82
CA ASP B 102 4.45 32.42 -14.63
C ASP B 102 4.22 32.29 -13.12
N VAL B 103 3.25 33.02 -12.58
CA VAL B 103 2.97 32.94 -11.15
C VAL B 103 1.92 31.89 -10.88
N VAL B 104 2.31 30.87 -10.11
CA VAL B 104 1.43 29.76 -9.77
C VAL B 104 1.05 29.77 -8.30
N ILE B 105 -0.24 29.60 -8.05
CA ILE B 105 -0.77 29.57 -6.70
C ILE B 105 -1.31 28.17 -6.43
N GLY B 106 -0.79 27.54 -5.39
CA GLY B 106 -1.21 26.18 -5.05
C GLY B 106 -2.41 26.07 -4.14
N MET B 107 -3.59 25.96 -4.74
CA MET B 107 -4.82 25.80 -3.97
C MET B 107 -4.74 24.42 -3.30
N GLY B 108 -4.09 23.48 -3.98
CA GLY B 108 -3.94 22.15 -3.45
C GLY B 108 -2.55 21.64 -3.75
N ALA B 109 -2.10 20.61 -3.04
CA ALA B 109 -0.79 20.07 -3.29
C ALA B 109 -0.76 18.55 -3.19
N CYS B 110 -0.50 17.90 -4.32
CA CYS B 110 -0.40 16.46 -4.36
C CYS B 110 0.96 16.15 -3.76
N THR B 111 1.21 14.89 -3.44
CA THR B 111 2.49 14.55 -2.87
C THR B 111 2.88 13.09 -2.96
N ASP B 112 4.20 12.90 -2.82
CA ASP B 112 4.92 11.64 -2.84
C ASP B 112 5.11 11.16 -1.40
N SER B 113 5.08 12.13 -0.49
CA SER B 113 5.29 11.91 0.91
C SER B 113 4.21 11.07 1.57
N LYS B 114 4.57 10.47 2.70
CA LYS B 114 3.65 9.65 3.47
C LYS B 114 3.22 10.39 4.71
N VAL B 115 3.63 11.64 4.87
CA VAL B 115 3.29 12.39 6.08
C VAL B 115 1.80 12.61 6.32
N ASN B 116 1.05 12.93 5.26
CA ASN B 116 -0.37 13.15 5.45
C ASN B 116 -1.12 11.84 5.68
N ARG B 117 -0.59 10.74 5.16
CA ARG B 117 -1.23 9.43 5.37
C ARG B 117 -1.02 9.04 6.83
N ILE B 118 0.15 9.39 7.37
CA ILE B 118 0.47 9.10 8.77
C ILE B 118 -0.52 9.86 9.65
N ARG B 119 -0.85 11.07 9.25
CA ARG B 119 -1.79 11.92 9.97
C ARG B 119 -3.25 11.53 9.79
N PHE B 120 -3.59 11.09 8.59
CA PHE B 120 -4.96 10.77 8.22
C PHE B 120 -5.37 9.30 8.15
N LYS B 121 -4.84 8.48 9.06
CA LYS B 121 -5.17 7.07 9.12
C LYS B 121 -5.02 6.33 7.79
N ASP B 122 -3.95 6.64 7.06
CA ASP B 122 -3.65 6.01 5.77
C ASP B 122 -4.67 6.28 4.67
N HIS B 123 -5.49 7.32 4.82
CA HIS B 123 -6.46 7.66 3.78
C HIS B 123 -5.96 8.85 2.98
N ASP B 124 -6.77 9.34 2.05
CA ASP B 124 -6.39 10.48 1.21
C ASP B 124 -6.80 11.83 1.82
N PHE B 125 -5.82 12.58 2.30
CA PHE B 125 -6.10 13.89 2.86
C PHE B 125 -5.77 14.87 1.74
N ALA B 126 -6.76 15.68 1.36
CA ALA B 126 -6.54 16.66 0.30
C ALA B 126 -5.84 17.86 0.94
N ALA B 127 -4.54 17.98 0.68
CA ALA B 127 -3.74 19.07 1.24
C ALA B 127 -4.05 20.38 0.53
N ILE B 128 -4.81 21.24 1.18
CA ILE B 128 -5.21 22.50 0.58
C ILE B 128 -4.77 23.75 1.33
N ALA B 129 -4.71 24.85 0.60
CA ALA B 129 -4.35 26.15 1.16
C ALA B 129 -5.62 26.74 1.79
N ASP B 130 -5.47 27.87 2.48
CA ASP B 130 -6.63 28.53 3.06
C ASP B 130 -7.29 29.31 1.92
N PHE B 131 -8.60 29.14 1.76
CA PHE B 131 -9.30 29.82 0.67
C PHE B 131 -9.12 31.33 0.58
N ASP B 132 -9.32 32.03 1.69
CA ASP B 132 -9.18 33.48 1.68
C ASP B 132 -7.78 33.94 1.28
N MET B 133 -6.75 33.24 1.75
CA MET B 133 -5.38 33.60 1.39
C MET B 133 -5.15 33.45 -0.12
N VAL B 134 -5.76 32.42 -0.71
CA VAL B 134 -5.64 32.19 -2.14
C VAL B 134 -6.31 33.33 -2.90
N ARG B 135 -7.53 33.67 -2.49
CA ARG B 135 -8.28 34.74 -3.12
C ARG B 135 -7.55 36.08 -2.97
N ASN B 136 -7.00 36.33 -1.79
CA ASN B 136 -6.25 37.56 -1.56
C ASN B 136 -5.09 37.67 -2.54
N ALA B 137 -4.42 36.54 -2.78
CA ALA B 137 -3.28 36.50 -3.69
C ALA B 137 -3.68 36.75 -5.15
N VAL B 138 -4.79 36.14 -5.58
CA VAL B 138 -5.24 36.35 -6.95
C VAL B 138 -5.60 37.82 -7.17
N ASP B 139 -6.29 38.42 -6.20
CA ASP B 139 -6.66 39.82 -6.28
C ASP B 139 -5.45 40.75 -6.26
N ALA B 140 -4.45 40.41 -5.44
CA ALA B 140 -3.25 41.23 -5.37
C ALA B 140 -2.53 41.14 -6.72
N ALA B 141 -2.52 39.94 -7.30
CA ALA B 141 -1.87 39.73 -8.59
C ALA B 141 -2.62 40.55 -9.66
N LYS B 142 -3.95 40.49 -9.63
CA LYS B 142 -4.76 41.23 -10.58
C LYS B 142 -4.44 42.72 -10.52
N ALA B 143 -4.44 43.28 -9.31
CA ALA B 143 -4.14 44.69 -9.12
C ALA B 143 -2.75 45.05 -9.64
N LEU B 144 -1.86 44.08 -9.73
CA LEU B 144 -0.51 44.33 -10.23
C LEU B 144 -0.39 44.00 -11.71
N GLY B 145 -1.51 43.75 -12.36
CA GLY B 145 -1.50 43.42 -13.77
C GLY B 145 -0.81 42.10 -14.07
N ILE B 146 -0.99 41.12 -13.19
CA ILE B 146 -0.37 39.81 -13.38
C ILE B 146 -1.38 38.68 -13.40
N ASP B 147 -1.19 37.77 -14.36
CA ASP B 147 -2.07 36.61 -14.50
C ASP B 147 -1.54 35.52 -13.57
N ALA B 148 -2.38 35.04 -12.68
CA ALA B 148 -1.95 33.99 -11.75
C ALA B 148 -2.79 32.75 -12.00
N ARG B 149 -2.12 31.61 -12.15
CA ARG B 149 -2.82 30.36 -12.35
C ARG B 149 -2.97 29.67 -10.99
N VAL B 150 -4.19 29.24 -10.69
CA VAL B 150 -4.48 28.56 -9.44
C VAL B 150 -4.83 27.10 -9.74
N GLY B 151 -4.22 26.19 -9.00
CA GLY B 151 -4.48 24.79 -9.21
C GLY B 151 -3.63 23.92 -8.29
N ASN B 152 -3.35 22.72 -8.77
CA ASN B 152 -2.57 21.74 -8.03
C ASN B 152 -1.05 21.83 -8.24
N LEU B 153 -0.33 21.65 -7.14
CA LEU B 153 1.13 21.61 -7.17
C LEU B 153 1.43 20.16 -6.80
N PHE B 154 2.66 19.71 -7.04
CA PHE B 154 3.04 18.36 -6.64
C PHE B 154 4.28 18.54 -5.76
N SER B 155 4.22 18.04 -4.52
CA SER B 155 5.34 18.15 -3.60
C SER B 155 6.12 16.84 -3.58
N ALA B 156 7.26 16.81 -4.28
CA ALA B 156 8.07 15.61 -4.37
C ALA B 156 9.08 15.46 -3.24
N ASP B 157 9.31 14.21 -2.84
CA ASP B 157 10.32 13.92 -1.82
C ASP B 157 11.67 13.79 -2.53
N LEU B 158 11.65 13.37 -3.78
CA LEU B 158 12.89 13.20 -4.52
C LEU B 158 13.04 14.11 -5.73
N PHE B 159 13.92 15.12 -5.60
CA PHE B 159 14.20 16.06 -6.68
C PHE B 159 14.73 15.21 -7.84
N TYR B 160 15.53 14.20 -7.51
CA TYR B 160 16.07 13.27 -8.51
C TYR B 160 15.31 11.95 -8.32
N SER B 161 14.17 11.82 -8.98
CA SER B 161 13.40 10.60 -8.83
C SER B 161 13.73 9.56 -9.88
N PRO B 162 13.66 8.27 -9.52
CA PRO B 162 13.96 7.16 -10.43
C PRO B 162 12.76 6.86 -11.35
N ASP B 163 11.57 7.24 -10.90
CA ASP B 163 10.36 7.01 -11.68
C ASP B 163 10.07 8.20 -12.59
N GLY B 164 10.68 8.20 -13.77
CA GLY B 164 10.47 9.30 -14.70
C GLY B 164 9.07 9.32 -15.30
N GLU B 165 8.36 8.22 -15.14
CA GLU B 165 7.00 8.09 -15.68
C GLU B 165 5.97 8.88 -14.89
N MET B 166 6.35 9.38 -13.72
CA MET B 166 5.43 10.13 -12.88
C MET B 166 5.15 11.51 -13.44
N PHE B 167 6.10 12.05 -14.20
CA PHE B 167 5.93 13.37 -14.78
C PHE B 167 4.79 13.40 -15.81
N ASP B 168 4.57 12.30 -16.52
CA ASP B 168 3.49 12.23 -17.49
C ASP B 168 2.16 12.15 -16.74
N VAL B 169 2.15 11.40 -15.64
CA VAL B 169 0.95 11.27 -14.82
C VAL B 169 0.59 12.66 -14.30
N MET B 170 1.58 13.40 -13.82
CA MET B 170 1.37 14.76 -13.31
C MET B 170 0.75 15.67 -14.37
N GLU B 171 1.25 15.55 -15.60
CA GLU B 171 0.74 16.37 -16.68
C GLU B 171 -0.70 16.03 -17.02
N LYS B 172 -0.98 14.73 -17.09
CA LYS B 172 -2.33 14.26 -17.42
C LYS B 172 -3.37 14.80 -16.44
N TYR B 173 -3.03 14.81 -15.15
CA TYR B 173 -3.96 15.28 -14.13
C TYR B 173 -3.91 16.77 -13.82
N GLY B 174 -3.27 17.52 -14.72
CA GLY B 174 -3.19 18.97 -14.60
C GLY B 174 -2.34 19.64 -13.54
N ILE B 175 -1.33 18.97 -13.03
CA ILE B 175 -0.47 19.60 -12.03
C ILE B 175 0.21 20.79 -12.68
N LEU B 176 0.09 21.96 -12.06
CA LEU B 176 0.68 23.18 -12.59
C LEU B 176 2.18 23.31 -12.35
N GLY B 177 2.65 22.73 -11.26
CA GLY B 177 4.07 22.82 -10.95
C GLY B 177 4.57 21.80 -9.94
N VAL B 178 5.87 21.51 -10.03
CA VAL B 178 6.49 20.56 -9.13
C VAL B 178 7.45 21.26 -8.18
N GLU B 179 7.23 21.08 -6.88
CA GLU B 179 8.13 21.64 -5.89
C GLU B 179 8.28 20.60 -4.79
N MET B 180 8.65 21.00 -3.57
CA MET B 180 8.89 20.00 -2.54
C MET B 180 8.41 20.33 -1.13
N GLU B 181 7.51 21.29 -0.98
CA GLU B 181 7.08 21.68 0.36
C GLU B 181 5.58 21.88 0.62
N ALA B 182 4.88 22.45 -0.36
CA ALA B 182 3.45 22.73 -0.22
C ALA B 182 2.61 21.74 0.59
N ALA B 183 2.56 20.48 0.14
CA ALA B 183 1.75 19.48 0.84
C ALA B 183 2.14 19.31 2.32
N GLY B 184 3.41 19.49 2.63
CA GLY B 184 3.87 19.35 4.00
C GLY B 184 3.38 20.51 4.83
N ILE B 185 3.49 21.71 4.27
CA ILE B 185 3.05 22.92 4.95
C ILE B 185 1.54 22.91 5.15
N TYR B 186 0.78 22.46 4.14
CA TYR B 186 -0.68 22.39 4.24
C TYR B 186 -1.09 21.35 5.28
N GLY B 187 -0.30 20.28 5.41
CA GLY B 187 -0.60 19.27 6.41
C GLY B 187 -0.41 19.86 7.80
N VAL B 188 0.69 20.59 7.97
CA VAL B 188 0.98 21.23 9.25
C VAL B 188 -0.11 22.23 9.64
N ALA B 189 -0.46 23.11 8.70
CA ALA B 189 -1.50 24.13 8.93
C ALA B 189 -2.80 23.49 9.42
N ALA B 190 -3.18 22.37 8.80
CA ALA B 190 -4.41 21.71 9.21
C ALA B 190 -4.24 21.04 10.57
N GLU B 191 -3.12 20.35 10.76
CA GLU B 191 -2.88 19.67 12.02
C GLU B 191 -2.85 20.62 13.21
N PHE B 192 -2.26 21.80 13.03
CA PHE B 192 -2.16 22.74 14.14
C PHE B 192 -3.11 23.93 14.10
N GLY B 193 -4.07 23.88 13.18
CA GLY B 193 -5.07 24.93 13.09
C GLY B 193 -4.67 26.32 12.63
N ALA B 194 -3.78 26.41 11.64
CA ALA B 194 -3.35 27.70 11.12
C ALA B 194 -3.75 27.78 9.65
N LYS B 195 -3.28 28.82 8.96
CA LYS B 195 -3.58 29.01 7.55
C LYS B 195 -2.30 29.11 6.74
N ALA B 196 -2.30 28.52 5.55
CA ALA B 196 -1.12 28.56 4.70
C ALA B 196 -1.45 28.66 3.23
N LEU B 197 -0.46 29.13 2.47
CA LEU B 197 -0.59 29.31 1.02
C LEU B 197 0.80 29.14 0.41
N THR B 198 0.88 28.56 -0.78
CA THR B 198 2.16 28.42 -1.44
C THR B 198 2.06 29.12 -2.80
N ILE B 199 3.01 30.01 -3.06
CA ILE B 199 3.05 30.74 -4.33
C ILE B 199 4.40 30.43 -4.98
N CYS B 200 4.38 30.14 -6.27
CA CYS B 200 5.63 29.83 -6.99
C CYS B 200 5.74 30.52 -8.33
N THR B 201 6.98 30.68 -8.77
CA THR B 201 7.27 31.24 -10.08
C THR B 201 7.86 30.02 -10.79
N VAL B 202 7.56 29.86 -12.07
CA VAL B 202 8.09 28.73 -12.82
C VAL B 202 9.50 29.08 -13.26
N SER B 203 10.49 28.36 -12.72
CA SER B 203 11.88 28.64 -13.06
C SER B 203 12.47 27.65 -14.06
N ASP B 204 11.66 26.69 -14.49
CA ASP B 204 12.13 25.69 -15.44
C ASP B 204 10.97 24.90 -16.02
N HIS B 205 11.11 24.50 -17.27
CA HIS B 205 10.08 23.70 -17.93
C HIS B 205 10.63 22.31 -18.21
N ILE B 206 10.23 21.35 -17.38
CA ILE B 206 10.69 19.97 -17.51
C ILE B 206 10.35 19.40 -18.90
N ARG B 207 9.43 20.06 -19.59
CA ARG B 207 9.01 19.65 -20.93
C ARG B 207 10.10 19.97 -21.95
N THR B 208 10.11 21.21 -22.41
CA THR B 208 11.09 21.67 -23.39
C THR B 208 12.50 21.67 -22.80
N HIS B 209 12.60 21.33 -21.52
CA HIS B 209 13.89 21.28 -20.82
C HIS B 209 14.58 22.64 -20.87
N GLU B 210 14.28 23.49 -19.90
CA GLU B 210 14.88 24.82 -19.83
C GLU B 210 14.68 25.45 -18.45
N GLN B 211 15.75 26.04 -17.91
CA GLN B 211 15.71 26.70 -16.61
C GLN B 211 15.48 28.20 -16.75
N THR B 212 16.46 29.01 -16.33
CA THR B 212 16.34 30.46 -16.41
C THR B 212 17.67 31.21 -16.41
N THR B 213 17.61 32.48 -16.84
CA THR B 213 18.75 33.41 -16.93
C THR B 213 18.27 34.72 -17.55
N ALA B 214 18.03 35.74 -16.72
CA ALA B 214 17.55 37.04 -17.22
C ALA B 214 17.16 38.01 -16.10
N ALA B 215 17.11 39.30 -16.46
CA ALA B 215 16.71 40.33 -15.51
C ALA B 215 15.19 40.26 -15.41
N GLU B 216 14.60 39.57 -16.37
CA GLU B 216 13.16 39.40 -16.43
C GLU B 216 12.72 38.33 -15.42
N ARG B 217 13.58 37.33 -15.21
CA ARG B 217 13.30 36.27 -14.27
C ARG B 217 13.26 36.86 -12.86
N GLN B 218 14.23 37.71 -12.56
CA GLN B 218 14.31 38.35 -11.25
C GLN B 218 13.15 39.33 -11.07
N THR B 219 12.62 39.83 -12.18
CA THR B 219 11.49 40.76 -12.11
C THR B 219 10.24 39.97 -11.67
N THR B 220 10.07 38.79 -12.27
CA THR B 220 8.93 37.94 -11.96
C THR B 220 9.04 37.46 -10.52
N PHE B 221 10.25 37.16 -10.07
CA PHE B 221 10.41 36.70 -8.69
C PHE B 221 9.98 37.80 -7.73
N ASN B 222 10.34 39.04 -8.02
CA ASN B 222 9.94 40.15 -7.16
C ASN B 222 8.43 40.35 -7.21
N ASP B 223 7.83 40.13 -8.38
CA ASP B 223 6.39 40.28 -8.50
C ASP B 223 5.67 39.30 -7.58
N MET B 224 6.19 38.08 -7.47
CA MET B 224 5.59 37.09 -6.58
C MET B 224 5.63 37.55 -5.13
N ILE B 225 6.77 38.11 -4.71
CA ILE B 225 6.92 38.62 -3.35
C ILE B 225 5.93 39.76 -3.12
N LYS B 226 5.80 40.64 -4.12
CA LYS B 226 4.86 41.76 -4.00
C LYS B 226 3.43 41.23 -3.88
N ILE B 227 3.13 40.17 -4.63
CA ILE B 227 1.81 39.56 -4.57
C ILE B 227 1.56 39.04 -3.16
N ALA B 228 2.57 38.35 -2.61
CA ALA B 228 2.48 37.80 -1.27
C ALA B 228 2.24 38.91 -0.23
N LEU B 229 3.09 39.93 -0.24
CA LEU B 229 2.97 41.03 0.71
C LEU B 229 1.66 41.80 0.59
N GLU B 230 1.30 42.18 -0.63
CA GLU B 230 0.05 42.91 -0.84
C GLU B 230 -1.16 42.06 -0.45
N SER B 231 -1.07 40.76 -0.68
CA SER B 231 -2.18 39.88 -0.35
C SER B 231 -2.46 39.86 1.15
N VAL B 232 -1.41 39.99 1.97
CA VAL B 232 -1.65 40.00 3.41
C VAL B 232 -2.33 41.31 3.81
N LEU B 233 -2.04 42.40 3.10
CA LEU B 233 -2.68 43.68 3.39
C LEU B 233 -4.16 43.59 3.06
N LEU B 234 -4.48 42.93 1.95
CA LEU B 234 -5.87 42.76 1.56
C LEU B 234 -6.57 41.88 2.59
N GLY B 235 -5.83 40.93 3.15
CA GLY B 235 -6.40 40.03 4.15
C GLY B 235 -6.79 40.73 5.44
N ASP B 236 -6.06 41.77 5.80
CA ASP B 236 -6.34 42.53 7.02
C ASP B 236 -7.58 43.41 6.84
N LYS B 237 -7.69 44.03 5.67
CA LYS B 237 -8.82 44.91 5.37
C LYS B 237 -10.12 44.12 5.19
N ALA C 1 9.17 -28.60 25.91
CA ALA C 1 8.55 -28.96 24.62
C ALA C 1 7.62 -27.85 24.15
N THR C 2 7.76 -27.46 22.88
CA THR C 2 6.93 -26.42 22.30
C THR C 2 6.03 -27.08 21.25
N PRO C 3 5.13 -26.30 20.63
CA PRO C 3 4.26 -26.89 19.61
C PRO C 3 4.97 -27.59 18.44
N HIS C 4 6.17 -27.15 18.09
CA HIS C 4 6.87 -27.77 16.96
C HIS C 4 8.23 -28.39 17.28
N ILE C 5 8.60 -28.37 18.55
CA ILE C 5 9.88 -28.94 18.97
C ILE C 5 9.68 -29.77 20.23
N ASN C 6 9.89 -31.08 20.09
CA ASN C 6 9.76 -31.99 21.20
C ASN C 6 11.13 -32.15 21.85
N ALA C 7 11.49 -31.18 22.67
CA ALA C 7 12.77 -31.20 23.36
C ALA C 7 12.58 -30.49 24.69
N GLU C 8 13.64 -30.43 25.48
CA GLU C 8 13.55 -29.80 26.77
C GLU C 8 14.65 -28.78 26.93
N MET C 9 14.40 -27.75 27.73
CA MET C 9 15.40 -26.72 27.98
C MET C 9 16.69 -27.47 28.29
N GLY C 10 17.78 -27.09 27.62
CA GLY C 10 19.04 -27.76 27.86
C GLY C 10 19.43 -28.70 26.73
N ASP C 11 18.45 -29.13 25.92
CA ASP C 11 18.77 -30.03 24.82
C ASP C 11 19.49 -29.30 23.69
N PHE C 12 19.31 -27.98 23.62
CA PHE C 12 19.96 -27.18 22.59
C PHE C 12 21.07 -26.33 23.17
N ALA C 13 22.08 -26.06 22.34
CA ALA C 13 23.19 -25.20 22.74
C ALA C 13 22.63 -23.78 22.67
N ASP C 14 23.37 -22.80 23.16
CA ASP C 14 22.90 -21.41 23.12
C ASP C 14 23.08 -20.78 21.75
N VAL C 15 23.65 -21.54 20.82
CA VAL C 15 23.84 -21.09 19.45
C VAL C 15 23.43 -22.25 18.54
N VAL C 16 22.59 -21.96 17.56
CA VAL C 16 22.11 -23.00 16.66
C VAL C 16 22.34 -22.64 15.19
N LEU C 17 22.93 -23.56 14.43
CA LEU C 17 23.12 -23.32 13.01
C LEU C 17 21.85 -23.88 12.37
N MET C 18 21.28 -23.14 11.43
CA MET C 18 20.04 -23.60 10.82
C MET C 18 19.94 -23.52 9.31
N PRO C 19 19.98 -24.67 8.63
CA PRO C 19 19.86 -24.68 7.18
C PRO C 19 18.36 -24.85 6.96
N GLY C 20 17.88 -24.66 5.74
CA GLY C 20 16.45 -24.84 5.51
C GLY C 20 16.13 -26.32 5.39
N ASP C 21 17.06 -27.07 4.82
CA ASP C 21 16.89 -28.51 4.60
C ASP C 21 17.26 -29.32 5.84
N PRO C 22 16.29 -30.08 6.39
CA PRO C 22 16.49 -30.91 7.57
C PRO C 22 17.61 -31.93 7.35
N LEU C 23 17.67 -32.47 6.14
CA LEU C 23 18.69 -33.45 5.80
C LEU C 23 20.08 -32.84 5.79
N ARG C 24 20.16 -31.54 5.52
CA ARG C 24 21.46 -30.87 5.52
C ARG C 24 21.91 -30.70 6.98
N ALA C 25 20.94 -30.51 7.88
CA ALA C 25 21.25 -30.37 9.29
C ALA C 25 21.82 -31.71 9.79
N LYS C 26 21.30 -32.79 9.23
CA LYS C 26 21.76 -34.14 9.58
C LYS C 26 23.20 -34.32 9.11
N TYR C 27 23.48 -33.89 7.89
CA TYR C 27 24.82 -33.98 7.33
C TYR C 27 25.81 -33.18 8.16
N ILE C 28 25.42 -31.97 8.55
CA ILE C 28 26.28 -31.11 9.35
C ILE C 28 26.62 -31.75 10.69
N ALA C 29 25.61 -32.30 11.35
CA ALA C 29 25.81 -32.94 12.64
C ALA C 29 26.79 -34.11 12.55
N GLU C 30 26.60 -34.96 11.53
CA GLU C 30 27.45 -36.14 11.34
C GLU C 30 28.85 -35.83 10.83
N THR C 31 28.99 -34.70 10.13
CA THR C 31 30.27 -34.33 9.54
C THR C 31 31.14 -33.37 10.35
N PHE C 32 30.52 -32.45 11.10
CA PHE C 32 31.29 -31.47 11.86
C PHE C 32 31.18 -31.52 13.37
N LEU C 33 30.17 -32.20 13.89
CA LEU C 33 29.97 -32.27 15.33
C LEU C 33 30.35 -33.63 15.91
N GLU C 34 30.86 -33.62 17.14
CA GLU C 34 31.23 -34.86 17.82
C GLU C 34 30.15 -35.20 18.83
N ASP C 35 29.84 -36.48 18.95
CA ASP C 35 28.84 -36.95 19.90
C ASP C 35 27.47 -36.36 19.58
N ALA C 36 27.18 -36.22 18.30
CA ALA C 36 25.91 -35.67 17.84
C ALA C 36 24.74 -36.51 18.32
N ARG C 37 23.75 -35.85 18.89
CA ARG C 37 22.56 -36.51 19.39
C ARG C 37 21.33 -35.79 18.83
N GLU C 38 20.40 -36.55 18.28
CA GLU C 38 19.18 -35.99 17.71
C GLU C 38 18.31 -35.51 18.85
N VAL C 39 17.85 -34.26 18.79
CA VAL C 39 17.02 -33.75 19.87
C VAL C 39 15.60 -33.39 19.41
N ASN C 40 15.33 -33.52 18.12
CA ASN C 40 13.99 -33.23 17.60
C ASN C 40 13.73 -33.87 16.25
N ASN C 41 12.50 -34.32 16.05
CA ASN C 41 12.10 -34.96 14.80
C ASN C 41 10.64 -34.62 14.44
N VAL C 42 10.03 -33.70 15.17
CA VAL C 42 8.65 -33.31 14.90
C VAL C 42 8.56 -32.77 13.48
N ARG C 43 7.56 -33.23 12.73
CA ARG C 43 7.37 -32.81 11.35
C ARG C 43 8.61 -33.09 10.51
N GLY C 44 9.48 -33.94 11.02
CA GLY C 44 10.70 -34.29 10.29
C GLY C 44 11.75 -33.20 10.32
N MET C 45 11.55 -32.17 11.15
CA MET C 45 12.52 -31.08 11.22
C MET C 45 13.66 -31.45 12.17
N LEU C 46 14.51 -32.36 11.71
CA LEU C 46 15.65 -32.88 12.46
C LEU C 46 16.53 -31.84 13.14
N GLY C 47 16.72 -32.00 14.45
CA GLY C 47 17.55 -31.10 15.22
C GLY C 47 18.62 -31.90 15.96
N PHE C 48 19.85 -31.38 16.00
CA PHE C 48 20.95 -32.09 16.66
C PHE C 48 21.80 -31.19 17.55
N THR C 49 22.41 -31.79 18.57
CA THR C 49 23.29 -31.06 19.47
C THR C 49 24.57 -31.86 19.68
N GLY C 50 25.71 -31.20 19.50
CA GLY C 50 26.98 -31.87 19.67
C GLY C 50 28.09 -30.92 20.07
N THR C 51 29.32 -31.31 19.76
CA THR C 51 30.50 -30.53 20.10
C THR C 51 31.36 -30.23 18.88
N TYR C 52 31.91 -29.02 18.84
CA TYR C 52 32.80 -28.60 17.78
C TYR C 52 34.00 -28.01 18.50
N LYS C 53 35.12 -28.74 18.49
CA LYS C 53 36.33 -28.32 19.18
C LYS C 53 36.01 -28.00 20.64
N GLY C 54 35.10 -28.79 21.22
CA GLY C 54 34.73 -28.58 22.61
C GLY C 54 33.50 -27.72 22.85
N ARG C 55 33.17 -26.83 21.91
CA ARG C 55 32.01 -25.96 22.07
C ARG C 55 30.71 -26.69 21.78
N LYS C 56 29.76 -26.60 22.71
CA LYS C 56 28.46 -27.22 22.52
C LYS C 56 27.76 -26.44 21.40
N ILE C 57 27.31 -27.15 20.38
CA ILE C 57 26.64 -26.54 19.24
C ILE C 57 25.44 -27.36 18.82
N SER C 58 24.42 -26.68 18.30
CA SER C 58 23.23 -27.37 17.81
C SER C 58 23.04 -27.00 16.34
N VAL C 59 22.34 -27.87 15.62
CA VAL C 59 22.05 -27.65 14.20
C VAL C 59 20.66 -28.24 13.94
N MET C 60 19.79 -27.45 13.33
CA MET C 60 18.42 -27.88 13.06
C MET C 60 17.83 -27.15 11.86
N GLY C 61 17.03 -27.87 11.06
CA GLY C 61 16.42 -27.26 9.90
C GLY C 61 15.33 -26.29 10.31
N HIS C 62 15.02 -25.32 9.44
CA HIS C 62 13.96 -24.37 9.75
C HIS C 62 12.86 -24.36 8.69
N GLY C 63 13.02 -25.21 7.68
CA GLY C 63 12.02 -25.28 6.62
C GLY C 63 12.17 -24.17 5.59
N VAL C 64 11.32 -24.18 4.58
CA VAL C 64 11.36 -23.17 3.52
C VAL C 64 10.39 -22.02 3.79
N GLY C 65 10.87 -20.80 3.60
CA GLY C 65 10.01 -19.63 3.79
C GLY C 65 10.03 -18.97 5.14
N ILE C 66 9.75 -17.66 5.13
CA ILE C 66 9.70 -16.85 6.34
C ILE C 66 8.74 -17.41 7.40
N PRO C 67 7.51 -17.79 7.00
CA PRO C 67 6.55 -18.33 7.97
C PRO C 67 7.07 -19.56 8.71
N SER C 68 7.76 -20.44 7.99
CA SER C 68 8.30 -21.66 8.58
C SER C 68 9.44 -21.39 9.55
N CYS C 69 10.47 -20.70 9.11
CA CYS C 69 11.60 -20.41 9.98
C CYS C 69 11.24 -19.50 11.15
N SER C 70 10.21 -18.67 10.97
CA SER C 70 9.79 -17.78 12.05
C SER C 70 9.34 -18.58 13.27
N ILE C 71 8.65 -19.68 12.99
CA ILE C 71 8.17 -20.56 14.04
C ILE C 71 9.31 -21.21 14.82
N TYR C 72 10.22 -21.85 14.10
CA TYR C 72 11.33 -22.54 14.76
C TYR C 72 12.28 -21.61 15.51
N THR C 73 12.69 -20.51 14.88
CA THR C 73 13.58 -19.57 15.54
C THR C 73 12.94 -18.99 16.80
N LYS C 74 11.65 -18.69 16.72
CA LYS C 74 10.92 -18.12 17.86
C LYS C 74 10.91 -19.09 19.04
N GLU C 75 10.48 -20.31 18.79
CA GLU C 75 10.41 -21.31 19.85
C GLU C 75 11.77 -21.58 20.47
N LEU C 76 12.81 -21.59 19.66
CA LEU C 76 14.15 -21.82 20.18
C LEU C 76 14.58 -20.67 21.10
N ILE C 77 14.17 -19.45 20.75
CA ILE C 77 14.54 -18.29 21.54
C ILE C 77 13.76 -18.13 22.84
N THR C 78 12.48 -18.47 22.83
CA THR C 78 11.65 -18.30 24.02
C THR C 78 11.57 -19.49 24.96
N ASP C 79 11.91 -20.68 24.47
CA ASP C 79 11.83 -21.89 25.31
C ASP C 79 13.09 -22.74 25.47
N PHE C 80 14.14 -22.49 24.70
CA PHE C 80 15.34 -23.31 24.83
C PHE C 80 16.62 -22.53 25.09
N GLY C 81 16.48 -21.29 25.56
CA GLY C 81 17.63 -20.47 25.87
C GLY C 81 18.60 -20.19 24.74
N VAL C 82 18.12 -20.23 23.49
CA VAL C 82 19.00 -19.96 22.35
C VAL C 82 19.28 -18.48 22.20
N LYS C 83 20.56 -18.11 22.20
CA LYS C 83 20.98 -16.72 22.10
C LYS C 83 21.37 -16.30 20.70
N LYS C 84 21.90 -17.24 19.92
CA LYS C 84 22.36 -16.92 18.56
C LYS C 84 21.89 -17.93 17.52
N ILE C 85 21.36 -17.40 16.43
CA ILE C 85 20.91 -18.23 15.33
C ILE C 85 21.78 -17.90 14.13
N ILE C 86 22.35 -18.92 13.50
CA ILE C 86 23.16 -18.72 12.31
C ILE C 86 22.56 -19.54 11.19
N ARG C 87 21.85 -18.88 10.28
CA ARG C 87 21.27 -19.59 9.16
C ARG C 87 22.36 -19.93 8.15
N VAL C 88 22.41 -21.18 7.73
CA VAL C 88 23.40 -21.59 6.73
C VAL C 88 22.57 -22.16 5.59
N GLY C 89 22.29 -21.32 4.60
CA GLY C 89 21.47 -21.77 3.50
C GLY C 89 22.05 -21.57 2.12
N SER C 90 21.16 -21.61 1.14
CA SER C 90 21.53 -21.41 -0.25
C SER C 90 20.85 -20.13 -0.75
N CYS C 91 21.27 -19.65 -1.91
CA CYS C 91 20.66 -18.44 -2.47
C CYS C 91 20.89 -18.37 -3.97
N GLY C 92 20.04 -17.58 -4.63
CA GLY C 92 20.16 -17.39 -6.06
C GLY C 92 20.88 -16.08 -6.32
N ALA C 93 21.86 -16.09 -7.20
CA ALA C 93 22.62 -14.89 -7.50
C ALA C 93 21.95 -14.09 -8.61
N VAL C 94 22.10 -12.77 -8.54
CA VAL C 94 21.51 -11.91 -9.53
C VAL C 94 22.57 -11.04 -10.20
N LEU C 95 23.69 -10.83 -9.51
CA LEU C 95 24.79 -10.01 -10.05
C LEU C 95 25.70 -10.83 -10.96
N PRO C 96 26.22 -10.20 -12.04
CA PRO C 96 27.11 -10.87 -12.99
C PRO C 96 28.36 -11.51 -12.39
N HIS C 97 29.06 -10.78 -11.51
CA HIS C 97 30.29 -11.32 -10.92
C HIS C 97 30.12 -12.34 -9.80
N VAL C 98 28.89 -12.76 -9.52
CA VAL C 98 28.64 -13.74 -8.48
C VAL C 98 28.43 -15.11 -9.13
N LYS C 99 29.25 -16.08 -8.74
CA LYS C 99 29.15 -17.42 -9.29
C LYS C 99 28.76 -18.48 -8.27
N LEU C 100 28.40 -19.65 -8.76
CA LEU C 100 28.01 -20.76 -7.91
C LEU C 100 29.05 -21.04 -6.82
N ARG C 101 28.55 -21.36 -5.63
CA ARG C 101 29.38 -21.66 -4.49
C ARG C 101 30.09 -20.46 -3.85
N ASP C 102 29.74 -19.25 -4.27
CA ASP C 102 30.33 -18.08 -3.64
C ASP C 102 29.62 -17.95 -2.29
N VAL C 103 30.36 -17.52 -1.26
CA VAL C 103 29.76 -17.37 0.06
C VAL C 103 29.35 -15.92 0.31
N VAL C 104 28.10 -15.73 0.72
CA VAL C 104 27.63 -14.38 1.01
C VAL C 104 27.13 -14.26 2.45
N ILE C 105 27.46 -13.14 3.08
CA ILE C 105 27.08 -12.85 4.46
C ILE C 105 26.08 -11.70 4.40
N GLY C 106 24.86 -11.93 4.88
CA GLY C 106 23.85 -10.89 4.84
C GLY C 106 23.77 -10.01 6.08
N MET C 107 24.36 -8.84 6.03
CA MET C 107 24.31 -7.93 7.17
C MET C 107 22.91 -7.30 7.19
N GLY C 108 22.27 -7.34 6.03
CA GLY C 108 20.92 -6.82 5.90
C GLY C 108 20.12 -7.78 5.03
N ALA C 109 18.80 -7.67 5.09
CA ALA C 109 17.95 -8.52 4.29
C ALA C 109 16.68 -7.79 3.84
N CYS C 110 16.54 -7.62 2.53
CA CYS C 110 15.36 -6.97 1.96
C CYS C 110 14.30 -8.05 1.87
N THR C 111 13.07 -7.67 1.57
CA THR C 111 12.01 -8.67 1.47
C THR C 111 10.75 -8.11 0.84
N ASP C 112 9.93 -9.00 0.29
CA ASP C 112 8.65 -8.59 -0.28
C ASP C 112 7.55 -9.20 0.60
N SER C 113 7.99 -9.71 1.76
CA SER C 113 7.08 -10.26 2.75
C SER C 113 6.47 -9.08 3.53
N LYS C 114 5.34 -9.32 4.20
CA LYS C 114 4.69 -8.26 4.97
C LYS C 114 4.91 -8.41 6.47
N VAL C 115 5.61 -9.46 6.90
CA VAL C 115 5.81 -9.69 8.34
C VAL C 115 6.44 -8.55 9.14
N ASN C 116 7.43 -7.87 8.58
CA ASN C 116 8.07 -6.79 9.32
C ASN C 116 7.21 -5.54 9.33
N ARG C 117 6.42 -5.34 8.28
CA ARG C 117 5.54 -4.19 8.24
C ARG C 117 4.44 -4.38 9.28
N ILE C 118 4.06 -5.63 9.53
CA ILE C 118 3.04 -5.92 10.52
C ILE C 118 3.58 -5.65 11.92
N ARG C 119 4.89 -5.85 12.10
CA ARG C 119 5.54 -5.61 13.38
C ARG C 119 5.88 -4.13 13.58
N PHE C 120 6.14 -3.44 12.48
CA PHE C 120 6.59 -2.05 12.51
C PHE C 120 5.61 -0.98 12.03
N LYS C 121 4.32 -1.14 12.38
CA LYS C 121 3.28 -0.19 12.01
C LYS C 121 3.27 0.22 10.54
N ASP C 122 3.60 -0.73 9.68
CA ASP C 122 3.60 -0.50 8.23
C ASP C 122 4.72 0.40 7.72
N HIS C 123 5.74 0.64 8.53
CA HIS C 123 6.87 1.46 8.10
C HIS C 123 7.99 0.51 7.63
N ASP C 124 9.16 1.06 7.32
CA ASP C 124 10.28 0.24 6.86
C ASP C 124 11.21 -0.19 7.97
N PHE C 125 11.19 -1.46 8.35
CA PHE C 125 12.09 -1.94 9.39
C PHE C 125 13.33 -2.48 8.67
N ALA C 126 14.50 -1.91 8.98
CA ALA C 126 15.74 -2.38 8.35
C ALA C 126 16.13 -3.71 9.01
N ALA C 127 15.78 -4.82 8.38
CA ALA C 127 16.08 -6.14 8.92
C ALA C 127 17.58 -6.42 8.81
N ILE C 128 18.29 -6.27 9.91
CA ILE C 128 19.74 -6.46 9.96
C ILE C 128 20.26 -7.56 10.90
N ALA C 129 21.48 -8.01 10.60
CA ALA C 129 22.13 -9.03 11.40
C ALA C 129 22.81 -8.37 12.60
N ASP C 130 23.27 -9.18 13.54
CA ASP C 130 23.99 -8.64 14.69
C ASP C 130 25.39 -8.30 14.17
N PHE C 131 25.82 -7.06 14.39
CA PHE C 131 27.13 -6.63 13.90
C PHE C 131 28.31 -7.52 14.30
N ASP C 132 28.44 -7.85 15.58
CA ASP C 132 29.56 -8.68 16.01
C ASP C 132 29.57 -10.04 15.32
N MET C 133 28.38 -10.61 15.10
CA MET C 133 28.29 -11.90 14.42
C MET C 133 28.79 -11.79 12.99
N VAL C 134 28.48 -10.68 12.31
CA VAL C 134 28.92 -10.48 10.95
C VAL C 134 30.45 -10.40 10.91
N ARG C 135 31.00 -9.62 11.83
CA ARG C 135 32.45 -9.44 11.93
C ARG C 135 33.14 -10.76 12.27
N ASN C 136 32.54 -11.56 13.14
CA ASN C 136 33.14 -12.84 13.50
C ASN C 136 33.21 -13.72 12.26
N ALA C 137 32.13 -13.71 11.48
CA ALA C 137 32.07 -14.51 10.26
C ALA C 137 33.08 -14.03 9.21
N VAL C 138 33.21 -12.71 9.09
CA VAL C 138 34.16 -12.17 8.13
C VAL C 138 35.58 -12.59 8.54
N ASP C 139 35.91 -12.47 9.82
CA ASP C 139 37.22 -12.86 10.33
C ASP C 139 37.49 -14.35 10.18
N ALA C 140 36.51 -15.17 10.55
CA ALA C 140 36.67 -16.62 10.44
C ALA C 140 36.94 -16.99 8.99
N ALA C 141 36.27 -16.31 8.06
CA ALA C 141 36.46 -16.58 6.64
C ALA C 141 37.86 -16.19 6.19
N LYS C 142 38.38 -15.09 6.73
CA LYS C 142 39.72 -14.63 6.38
C LYS C 142 40.76 -15.66 6.84
N ALA C 143 40.66 -16.06 8.10
CA ALA C 143 41.57 -17.05 8.65
C ALA C 143 41.49 -18.38 7.89
N LEU C 144 40.31 -18.68 7.33
CA LEU C 144 40.12 -19.92 6.59
C LEU C 144 40.56 -19.79 5.14
N GLY C 145 40.80 -18.55 4.71
CA GLY C 145 41.22 -18.34 3.33
C GLY C 145 40.06 -18.59 2.39
N ILE C 146 38.87 -18.17 2.81
CA ILE C 146 37.67 -18.34 2.00
C ILE C 146 37.09 -16.95 1.71
N ASP C 147 36.87 -16.66 0.43
CA ASP C 147 36.30 -15.38 0.02
C ASP C 147 34.84 -15.29 0.46
N ALA C 148 34.37 -14.09 0.75
CA ALA C 148 32.99 -13.90 1.17
C ALA C 148 32.54 -12.45 1.05
N ARG C 149 31.40 -12.23 0.40
CA ARG C 149 30.87 -10.88 0.22
C ARG C 149 29.90 -10.54 1.36
N VAL C 150 29.91 -9.29 1.79
CA VAL C 150 29.03 -8.83 2.85
C VAL C 150 28.09 -7.75 2.32
N GLY C 151 26.80 -7.95 2.49
CA GLY C 151 25.84 -6.98 1.99
C GLY C 151 24.40 -7.37 2.22
N ASN C 152 23.53 -6.98 1.29
CA ASN C 152 22.11 -7.27 1.39
C ASN C 152 21.67 -8.54 0.69
N LEU C 153 20.81 -9.29 1.35
CA LEU C 153 20.20 -10.47 0.76
C LEU C 153 18.78 -10.01 0.46
N PHE C 154 18.02 -10.80 -0.29
CA PHE C 154 16.62 -10.47 -0.55
C PHE C 154 15.83 -11.70 -0.20
N SER C 155 14.95 -11.60 0.79
CA SER C 155 14.14 -12.74 1.21
C SER C 155 12.81 -12.70 0.47
N ALA C 156 12.63 -13.65 -0.44
CA ALA C 156 11.42 -13.72 -1.24
C ALA C 156 10.38 -14.69 -0.70
N ASP C 157 9.11 -14.35 -0.88
CA ASP C 157 8.02 -15.22 -0.46
C ASP C 157 7.75 -16.20 -1.59
N LEU C 158 7.94 -15.74 -2.83
CA LEU C 158 7.71 -16.61 -3.99
C LEU C 158 8.96 -16.98 -4.78
N PHE C 159 9.34 -18.26 -4.64
CA PHE C 159 10.50 -18.78 -5.36
C PHE C 159 10.18 -18.61 -6.84
N TYR C 160 8.96 -18.97 -7.22
CA TYR C 160 8.51 -18.82 -8.60
C TYR C 160 7.74 -17.50 -8.69
N SER C 161 8.50 -16.42 -8.70
CA SER C 161 7.95 -15.08 -8.75
C SER C 161 7.30 -14.71 -10.07
N PRO C 162 6.09 -14.13 -10.00
CA PRO C 162 5.39 -13.72 -11.22
C PRO C 162 5.92 -12.37 -11.72
N ASP C 163 6.82 -11.76 -10.94
CA ASP C 163 7.39 -10.47 -11.29
C ASP C 163 8.88 -10.56 -11.65
N GLY C 164 9.17 -10.96 -12.89
CA GLY C 164 10.55 -11.08 -13.34
C GLY C 164 11.36 -9.80 -13.26
N GLU C 165 10.73 -8.67 -13.60
CA GLU C 165 11.40 -7.37 -13.57
C GLU C 165 12.09 -7.07 -12.23
N MET C 166 11.47 -7.50 -11.14
CA MET C 166 12.02 -7.24 -9.80
C MET C 166 13.48 -7.66 -9.65
N PHE C 167 13.91 -8.68 -10.39
CA PHE C 167 15.30 -9.12 -10.29
C PHE C 167 16.25 -8.03 -10.79
N ASP C 168 15.81 -7.24 -11.76
CA ASP C 168 16.62 -6.15 -12.30
C ASP C 168 16.80 -5.09 -11.23
N VAL C 169 15.73 -4.84 -10.47
CA VAL C 169 15.75 -3.86 -9.40
C VAL C 169 16.70 -4.36 -8.30
N MET C 170 16.64 -5.67 -8.05
CA MET C 170 17.50 -6.28 -7.05
C MET C 170 18.95 -6.08 -7.47
N GLU C 171 19.24 -6.38 -8.73
CA GLU C 171 20.59 -6.23 -9.27
C GLU C 171 21.05 -4.79 -9.12
N LYS C 172 20.19 -3.86 -9.52
CA LYS C 172 20.50 -2.45 -9.45
C LYS C 172 20.94 -2.03 -8.05
N TYR C 173 20.28 -2.56 -7.02
CA TYR C 173 20.60 -2.19 -5.66
C TYR C 173 21.63 -3.07 -4.96
N GLY C 174 22.36 -3.84 -5.77
CA GLY C 174 23.42 -4.70 -5.26
C GLY C 174 23.08 -5.91 -4.42
N ILE C 175 21.88 -6.46 -4.61
CA ILE C 175 21.49 -7.64 -3.85
C ILE C 175 22.45 -8.79 -4.17
N LEU C 176 23.09 -9.34 -3.14
CA LEU C 176 24.05 -10.42 -3.30
C LEU C 176 23.45 -11.81 -3.48
N GLY C 177 22.31 -12.06 -2.84
CA GLY C 177 21.68 -13.35 -2.98
C GLY C 177 20.19 -13.34 -2.72
N VAL C 178 19.46 -14.14 -3.48
CA VAL C 178 18.03 -14.22 -3.29
C VAL C 178 17.69 -15.51 -2.56
N GLU C 179 17.18 -15.38 -1.33
CA GLU C 179 16.78 -16.57 -0.59
C GLU C 179 15.37 -16.36 -0.05
N MET C 180 14.97 -17.06 1.00
CA MET C 180 13.59 -16.95 1.48
C MET C 180 13.39 -16.91 2.98
N GLU C 181 14.44 -16.60 3.75
CA GLU C 181 14.30 -16.61 5.20
C GLU C 181 14.92 -15.46 6.01
N ALA C 182 16.09 -15.00 5.60
CA ALA C 182 16.84 -13.96 6.31
C ALA C 182 16.03 -12.84 6.98
N ALA C 183 15.21 -12.12 6.19
CA ALA C 183 14.44 -11.01 6.74
C ALA C 183 13.53 -11.47 7.89
N GLY C 184 12.96 -12.66 7.75
CA GLY C 184 12.09 -13.18 8.79
C GLY C 184 12.87 -13.47 10.06
N ILE C 185 13.99 -14.14 9.92
CA ILE C 185 14.83 -14.49 11.06
C ILE C 185 15.28 -13.24 11.80
N TYR C 186 15.70 -12.23 11.03
CA TYR C 186 16.14 -10.98 11.62
C TYR C 186 14.95 -10.33 12.34
N GLY C 187 13.76 -10.46 11.77
CA GLY C 187 12.57 -9.90 12.40
C GLY C 187 12.30 -10.58 13.74
N VAL C 188 12.47 -11.89 13.78
CA VAL C 188 12.25 -12.66 15.01
C VAL C 188 13.31 -12.34 16.05
N ALA C 189 14.57 -12.27 15.62
CA ALA C 189 15.64 -11.97 16.56
C ALA C 189 15.38 -10.63 17.25
N ALA C 190 14.92 -9.65 16.49
CA ALA C 190 14.65 -8.33 17.05
C ALA C 190 13.40 -8.35 17.92
N GLU C 191 12.35 -9.06 17.49
CA GLU C 191 11.13 -9.11 18.28
C GLU C 191 11.27 -9.86 19.60
N PHE C 192 11.97 -10.99 19.57
CA PHE C 192 12.12 -11.79 20.78
C PHE C 192 13.41 -11.61 21.59
N GLY C 193 14.28 -10.72 21.13
CA GLY C 193 15.50 -10.43 21.85
C GLY C 193 16.70 -11.35 21.76
N ALA C 194 17.06 -11.76 20.55
CA ALA C 194 18.21 -12.63 20.35
C ALA C 194 19.06 -12.08 19.21
N LYS C 195 20.09 -12.81 18.83
CA LYS C 195 20.98 -12.38 17.76
C LYS C 195 20.94 -13.38 16.64
N ALA C 196 21.07 -12.91 15.40
CA ALA C 196 21.04 -13.80 14.25
C ALA C 196 21.95 -13.35 13.12
N LEU C 197 22.29 -14.28 12.24
CA LEU C 197 23.13 -14.00 11.09
C LEU C 197 22.84 -15.05 10.02
N THR C 198 22.79 -14.63 8.76
CA THR C 198 22.54 -15.55 7.66
C THR C 198 23.76 -15.60 6.76
N ILE C 199 24.20 -16.81 6.45
CA ILE C 199 25.34 -17.00 5.57
C ILE C 199 24.80 -17.92 4.49
N CYS C 200 24.98 -17.54 3.23
CA CYS C 200 24.49 -18.37 2.14
C CYS C 200 25.54 -18.76 1.13
N THR C 201 25.26 -19.85 0.43
CA THR C 201 26.13 -20.36 -0.62
C THR C 201 25.31 -20.21 -1.90
N VAL C 202 25.86 -19.54 -2.89
CA VAL C 202 25.15 -19.36 -4.14
C VAL C 202 24.82 -20.75 -4.69
N SER C 203 23.54 -21.08 -4.64
CA SER C 203 22.99 -22.36 -5.06
C SER C 203 22.75 -22.40 -6.57
N ASP C 204 22.65 -21.24 -7.17
CA ASP C 204 22.45 -21.12 -8.60
C ASP C 204 22.41 -19.66 -9.04
N HIS C 205 22.36 -19.44 -10.33
CA HIS C 205 22.33 -18.08 -10.87
C HIS C 205 21.01 -17.85 -11.58
N ILE C 206 20.28 -16.83 -11.15
CA ILE C 206 18.98 -16.51 -11.71
C ILE C 206 19.02 -16.07 -13.17
N ARG C 207 20.14 -15.49 -13.59
CA ARG C 207 20.27 -15.03 -14.97
C ARG C 207 20.71 -16.15 -15.92
N THR C 208 21.79 -16.84 -15.57
CA THR C 208 22.32 -17.91 -16.41
C THR C 208 21.55 -19.23 -16.31
N HIS C 209 20.87 -19.45 -15.19
CA HIS C 209 20.08 -20.66 -14.97
C HIS C 209 20.91 -21.90 -14.66
N GLU C 210 22.16 -21.72 -14.29
CA GLU C 210 22.99 -22.86 -13.95
C GLU C 210 22.80 -23.18 -12.47
N GLN C 211 22.03 -24.23 -12.19
CA GLN C 211 21.78 -24.65 -10.82
C GLN C 211 23.03 -25.34 -10.31
N THR C 212 22.96 -25.89 -9.10
CA THR C 212 24.09 -26.59 -8.51
C THR C 212 24.77 -27.47 -9.56
N THR C 213 26.08 -27.72 -9.39
CA THR C 213 26.81 -28.54 -10.35
C THR C 213 28.17 -29.00 -9.82
N ALA C 214 28.61 -30.16 -10.33
CA ALA C 214 29.89 -30.75 -9.96
C ALA C 214 30.02 -31.07 -8.48
N ALA C 215 31.02 -31.87 -8.14
CA ALA C 215 31.28 -32.26 -6.75
C ALA C 215 31.56 -31.01 -5.93
N GLU C 216 31.94 -29.94 -6.62
CA GLU C 216 32.23 -28.67 -5.97
C GLU C 216 30.96 -28.23 -5.24
N ARG C 217 29.83 -28.76 -5.70
CA ARG C 217 28.51 -28.45 -5.14
C ARG C 217 28.59 -28.23 -3.64
N GLN C 218 28.26 -29.28 -2.87
CA GLN C 218 28.25 -29.20 -1.42
C GLN C 218 29.57 -28.79 -0.77
N THR C 219 30.68 -28.96 -1.48
CA THR C 219 32.02 -28.61 -0.95
C THR C 219 32.10 -27.20 -0.40
N THR C 220 31.40 -26.26 -1.05
CA THR C 220 31.39 -24.88 -0.59
C THR C 220 30.32 -24.75 0.50
N PHE C 221 29.38 -25.69 0.49
CA PHE C 221 28.33 -25.69 1.49
C PHE C 221 29.02 -26.19 2.76
N ASN C 222 30.28 -26.59 2.59
CA ASN C 222 31.11 -27.02 3.71
C ASN C 222 31.82 -25.75 4.17
N ASP C 223 32.24 -24.93 3.20
CA ASP C 223 32.94 -23.68 3.50
C ASP C 223 32.11 -22.80 4.44
N MET C 224 30.84 -22.59 4.10
CA MET C 224 29.99 -21.76 4.93
C MET C 224 29.83 -22.38 6.32
N ILE C 225 29.75 -23.71 6.38
CA ILE C 225 29.61 -24.39 7.67
C ILE C 225 30.83 -24.13 8.55
N LYS C 226 32.01 -24.27 7.96
CA LYS C 226 33.26 -24.05 8.67
C LYS C 226 33.31 -22.60 9.16
N ILE C 227 32.92 -21.66 8.30
CA ILE C 227 32.92 -20.26 8.66
C ILE C 227 31.97 -19.99 9.83
N ALA C 228 30.79 -20.59 9.78
CA ALA C 228 29.82 -20.41 10.84
C ALA C 228 30.35 -20.97 12.17
N LEU C 229 30.84 -22.20 12.16
CA LEU C 229 31.35 -22.81 13.38
C LEU C 229 32.54 -22.06 13.97
N GLU C 230 33.47 -21.65 13.11
CA GLU C 230 34.65 -20.91 13.58
C GLU C 230 34.25 -19.51 14.06
N SER C 231 33.21 -18.94 13.46
CA SER C 231 32.77 -17.61 13.86
C SER C 231 32.23 -17.67 15.28
N VAL C 232 31.61 -18.79 15.64
CA VAL C 232 31.08 -18.95 16.98
C VAL C 232 32.21 -18.92 18.01
N LEU C 233 33.27 -19.68 17.75
CA LEU C 233 34.41 -19.74 18.67
C LEU C 233 35.01 -18.34 18.82
N LEU C 234 35.13 -17.64 17.71
CA LEU C 234 35.66 -16.28 17.72
C LEU C 234 34.77 -15.41 18.61
N GLY C 235 33.46 -15.56 18.44
CA GLY C 235 32.51 -14.79 19.23
C GLY C 235 32.62 -15.05 20.73
N ASP C 236 32.97 -16.28 21.10
CA ASP C 236 33.10 -16.65 22.51
C ASP C 236 34.32 -15.97 23.16
N LYS C 237 35.42 -15.87 22.41
CA LYS C 237 36.66 -15.27 22.91
C LYS C 237 36.52 -13.77 23.20
#